data_4BF5
#
_entry.id   4BF5
#
_cell.length_a   56.666
_cell.length_b   81.850
_cell.length_c   78.286
_cell.angle_alpha   90.00
_cell.angle_beta   98.97
_cell.angle_gamma   90.00
#
_symmetry.space_group_name_H-M   'P 1 21 1'
#
loop_
_entity.id
_entity.type
_entity.pdbx_description
1 polymer 'ALANINE RACEMASE'
2 non-polymer "PYRIDOXAL-5'-PHOSPHATE"
3 non-polymer 'CHLORIDE ION'
4 non-polymer GLYCEROL
5 non-polymer 'NICKEL (II) ION'
6 water water
#
_entity_poly.entity_id   1
_entity_poly.type   'polypeptide(L)'
_entity_poly.pdbx_seq_one_letter_code
;MHKKTLLATLILGLLAGQAVAAPYLPLASDHRNGEVQTASNAWLEVDLGAFEHNIQTLKDRLGDKGPKICAIMKADAYGH
GIDLLVPSVVKAGIPCIGIASNEEARVAREKGFTGRLMRVRAATPAEVEQALPYKMEELIGSLVSAQGIADIAQRHHTNI
PVHIALNSAGMSRNGIDLRLADSKEDALAMLKLKGITPVGIMTHFPVEEKEDVKMGLAQFKLDSQWLLEAGKLDRSKITI
HAANSFATLEVPDAYFDMVRPGGLLYGDSIPSYTEYKRVMAFKTQVASVNHYPAGNTVGYDRTFTLKRDSWLANLPLGYS
DGYRRALSNKAYVLIQGQKVPVVGKTSMNTIMVDVTDLKGVKPGDEVVLFGRQGEAEVKQADLEEYNGALLADMYTIWGY
TNPKKIKRSSGHHHHHH
;
_entity_poly.pdbx_strand_id   A,B
#
# COMPACT_ATOMS: atom_id res chain seq x y z
N ALA A 22 7.92 1.52 4.30
CA ALA A 22 8.53 0.50 3.45
C ALA A 22 8.52 -0.85 4.16
N PRO A 23 7.89 -1.86 3.53
CA PRO A 23 7.70 -3.17 4.16
C PRO A 23 8.89 -4.11 3.98
N TYR A 24 8.84 -5.26 4.63
CA TYR A 24 9.78 -6.33 4.36
C TYR A 24 9.56 -6.84 2.94
N LEU A 25 10.65 -7.14 2.25
CA LEU A 25 10.59 -7.68 0.90
C LEU A 25 10.90 -9.17 0.94
N PRO A 26 10.61 -9.88 -0.15
CA PRO A 26 10.79 -11.34 -0.17
C PRO A 26 12.21 -11.77 0.18
N LEU A 27 12.34 -12.90 0.88
CA LEU A 27 13.64 -13.47 1.17
C LEU A 27 14.24 -14.03 -0.11
N ALA A 28 15.56 -14.23 -0.10
CA ALA A 28 16.27 -14.68 -1.29
C ALA A 28 15.71 -16.02 -1.81
N SER A 29 15.27 -16.87 -0.89
CA SER A 29 14.78 -18.20 -1.26
C SER A 29 13.30 -18.19 -1.64
N ASP A 30 12.68 -17.02 -1.59
CA ASP A 30 11.26 -16.89 -1.93
C ASP A 30 11.10 -16.38 -3.36
N HIS A 31 10.63 -17.25 -4.25
CA HIS A 31 10.50 -16.90 -5.66
C HIS A 31 9.05 -16.90 -6.12
N ARG A 32 8.14 -16.59 -5.20
CA ARG A 32 6.72 -16.54 -5.52
C ARG A 32 6.39 -15.38 -6.46
N ASN A 33 6.99 -14.23 -6.19
CA ASN A 33 6.69 -13.02 -6.94
C ASN A 33 7.11 -13.14 -8.40
N GLY A 34 6.24 -12.69 -9.31
CA GLY A 34 6.52 -12.72 -10.73
C GLY A 34 5.88 -13.91 -11.44
N GLU A 35 5.51 -14.92 -10.66
CA GLU A 35 4.90 -16.13 -11.23
C GLU A 35 3.51 -15.85 -11.77
N VAL A 36 3.22 -16.37 -12.96
CA VAL A 36 2.01 -16.03 -13.69
C VAL A 36 0.81 -16.89 -13.30
N GLN A 37 1.05 -18.14 -12.94
CA GLN A 37 -0.04 -19.09 -12.73
C GLN A 37 -0.70 -18.98 -11.36
N THR A 38 -0.06 -18.28 -10.43
CA THR A 38 -0.58 -18.17 -9.07
C THR A 38 -1.81 -17.26 -9.03
N ALA A 39 -2.83 -17.70 -8.29
CA ALA A 39 -4.09 -16.96 -8.20
C ALA A 39 -3.86 -15.58 -7.58
N SER A 40 -4.40 -14.57 -8.24
CA SER A 40 -4.28 -13.20 -7.76
CA SER A 40 -4.29 -13.19 -7.75
C SER A 40 -5.60 -12.45 -7.95
N ASN A 41 -6.06 -11.77 -6.91
CA ASN A 41 -7.29 -11.00 -7.02
C ASN A 41 -7.09 -9.82 -7.96
N ALA A 42 -5.88 -9.25 -7.90
CA ALA A 42 -5.45 -8.24 -8.85
C ALA A 42 -3.94 -8.35 -8.94
N TRP A 43 -3.35 -7.83 -10.01
CA TRP A 43 -1.90 -7.95 -10.18
C TRP A 43 -1.32 -6.91 -11.12
N LEU A 44 -0.04 -6.63 -10.94
CA LEU A 44 0.69 -5.74 -11.85
C LEU A 44 1.47 -6.57 -12.85
N GLU A 45 1.24 -6.31 -14.13
CA GLU A 45 1.97 -6.95 -15.21
C GLU A 45 3.22 -6.14 -15.51
N VAL A 46 4.38 -6.72 -15.23
CA VAL A 46 5.66 -6.01 -15.37
C VAL A 46 6.43 -6.48 -16.60
N ASP A 47 6.54 -5.61 -17.59
CA ASP A 47 7.19 -5.95 -18.86
C ASP A 47 8.69 -5.70 -18.79
N LEU A 48 9.45 -6.77 -18.61
CA LEU A 48 10.91 -6.67 -18.50
C LEU A 48 11.52 -6.17 -19.80
N GLY A 49 10.89 -6.50 -20.91
CA GLY A 49 11.37 -6.07 -22.22
C GLY A 49 11.33 -4.56 -22.35
N ALA A 50 10.24 -3.96 -21.88
CA ALA A 50 10.08 -2.51 -21.93
C ALA A 50 11.12 -1.84 -21.05
N PHE A 51 11.36 -2.43 -19.87
CA PHE A 51 12.32 -1.88 -18.93
C PHE A 51 13.73 -1.88 -19.51
N GLU A 52 14.14 -3.01 -20.07
CA GLU A 52 15.45 -3.13 -20.68
C GLU A 52 15.58 -2.19 -21.88
N HIS A 53 14.48 -2.02 -22.61
CA HIS A 53 14.46 -1.10 -23.74
C HIS A 53 14.71 0.33 -23.29
N ASN A 54 14.05 0.73 -22.21
CA ASN A 54 14.17 2.10 -21.70
C ASN A 54 15.59 2.41 -21.24
N ILE A 55 16.25 1.42 -20.64
CA ILE A 55 17.63 1.59 -20.20
C ILE A 55 18.54 1.86 -21.41
N GLN A 56 18.42 1.02 -22.43
CA GLN A 56 19.23 1.15 -23.63
C GLN A 56 18.93 2.47 -24.34
N THR A 57 17.66 2.86 -24.35
CA THR A 57 17.25 4.09 -25.03
C THR A 57 17.90 5.31 -24.37
N LEU A 58 17.97 5.30 -23.04
CA LEU A 58 18.61 6.38 -22.31
C LEU A 58 20.11 6.41 -22.59
N LYS A 59 20.72 5.23 -22.61
CA LYS A 59 22.15 5.13 -22.93
C LYS A 59 22.45 5.80 -24.25
N ASP A 60 21.65 5.48 -25.27
CA ASP A 60 21.85 6.02 -26.60
C ASP A 60 21.69 7.54 -26.62
N ARG A 61 20.81 8.05 -25.76
CA ARG A 61 20.57 9.49 -25.67
C ARG A 61 21.77 10.19 -25.05
N LEU A 62 22.31 9.62 -23.98
CA LEU A 62 23.42 10.22 -23.26
C LEU A 62 24.72 10.15 -24.07
N GLY A 63 24.85 9.10 -24.88
CA GLY A 63 26.02 8.94 -25.72
C GLY A 63 27.14 8.20 -25.00
N ASP A 64 28.26 8.03 -25.70
CA ASP A 64 29.40 7.30 -25.17
C ASP A 64 30.19 8.14 -24.16
N LYS A 65 30.17 9.45 -24.33
CA LYS A 65 30.90 10.35 -23.44
C LYS A 65 29.95 11.05 -22.47
N GLY A 66 28.74 10.52 -22.33
CA GLY A 66 27.74 11.11 -21.47
C GLY A 66 27.93 10.72 -20.01
N PRO A 67 27.04 11.22 -19.14
CA PRO A 67 27.12 10.93 -17.70
C PRO A 67 26.75 9.49 -17.39
N LYS A 68 27.22 8.99 -16.25
CA LYS A 68 26.87 7.64 -15.79
C LYS A 68 25.40 7.62 -15.39
N ILE A 69 24.81 6.43 -15.38
CA ILE A 69 23.42 6.27 -14.99
C ILE A 69 23.30 5.62 -13.63
N CYS A 70 22.51 6.23 -12.75
CA CYS A 70 22.16 5.59 -11.49
C CYS A 70 20.66 5.31 -11.50
N ALA A 71 20.30 4.05 -11.73
CA ALA A 71 18.90 3.66 -11.78
C ALA A 71 18.27 3.80 -10.41
N ILE A 72 17.26 4.66 -10.31
CA ILE A 72 16.56 4.88 -9.05
C ILE A 72 15.43 3.86 -8.90
N MET A 73 15.51 3.05 -7.86
CA MET A 73 14.59 1.94 -7.67
C MET A 73 13.99 1.93 -6.27
N LYS A 74 13.81 3.12 -5.71
CA LYS A 74 13.17 3.27 -4.40
C LYS A 74 11.72 2.82 -4.49
N ALA A 75 11.10 2.60 -3.33
CA ALA A 75 9.71 2.17 -3.27
C ALA A 75 9.51 0.86 -4.03
N ASP A 76 10.41 -0.10 -3.80
CA ASP A 76 10.35 -1.39 -4.47
C ASP A 76 10.32 -1.21 -5.98
N ALA A 77 11.27 -0.42 -6.48
CA ALA A 77 11.37 -0.13 -7.90
C ALA A 77 10.08 0.48 -8.43
N TYR A 78 9.61 1.53 -7.76
CA TYR A 78 8.43 2.27 -8.20
C TYR A 78 7.22 1.34 -8.34
N GLY A 79 7.16 0.33 -7.49
CA GLY A 79 6.04 -0.60 -7.47
C GLY A 79 6.14 -1.71 -8.50
N HIS A 80 7.28 -1.79 -9.20
CA HIS A 80 7.48 -2.80 -10.22
C HIS A 80 8.14 -4.05 -9.65
N GLY A 81 8.72 -3.92 -8.45
CA GLY A 81 9.39 -5.03 -7.82
C GLY A 81 10.88 -5.01 -8.09
N ILE A 82 11.66 -4.51 -7.13
CA ILE A 82 13.09 -4.43 -7.28
C ILE A 82 13.69 -5.82 -7.45
N ASP A 83 13.05 -6.82 -6.86
CA ASP A 83 13.50 -8.21 -6.98
C ASP A 83 13.40 -8.71 -8.41
N LEU A 84 12.48 -8.13 -9.18
CA LEU A 84 12.24 -8.58 -10.55
C LEU A 84 13.05 -7.79 -11.59
N LEU A 85 13.42 -6.56 -11.26
CA LEU A 85 14.06 -5.67 -12.23
C LEU A 85 15.57 -5.58 -12.11
N VAL A 86 16.12 -5.84 -10.92
CA VAL A 86 17.56 -5.66 -10.70
C VAL A 86 18.40 -6.50 -11.67
N PRO A 87 18.00 -7.76 -11.91
CA PRO A 87 18.76 -8.58 -12.85
C PRO A 87 18.97 -7.90 -14.21
N SER A 88 17.98 -7.15 -14.66
CA SER A 88 18.10 -6.41 -15.92
C SER A 88 19.10 -5.27 -15.78
N VAL A 89 19.09 -4.63 -14.62
CA VAL A 89 20.03 -3.54 -14.36
C VAL A 89 21.46 -4.07 -14.33
N VAL A 90 21.64 -5.26 -13.76
CA VAL A 90 22.94 -5.89 -13.70
C VAL A 90 23.46 -6.23 -15.08
N LYS A 91 22.59 -6.82 -15.91
CA LYS A 91 22.98 -7.24 -17.24
C LYS A 91 23.30 -6.04 -18.13
N ALA A 92 22.66 -4.91 -17.84
CA ALA A 92 22.89 -3.69 -18.61
C ALA A 92 24.20 -3.03 -18.22
N GLY A 93 24.77 -3.45 -17.10
CA GLY A 93 26.04 -2.92 -16.64
C GLY A 93 25.92 -1.55 -16.00
N ILE A 94 24.71 -1.20 -15.58
CA ILE A 94 24.48 0.07 -14.90
C ILE A 94 25.33 0.12 -13.64
N PRO A 95 26.14 1.19 -13.48
CA PRO A 95 27.13 1.26 -12.40
C PRO A 95 26.54 1.62 -11.03
N CYS A 96 25.37 2.25 -11.02
CA CYS A 96 24.80 2.76 -9.77
C CYS A 96 23.31 2.47 -9.65
N ILE A 97 22.88 2.16 -8.44
CA ILE A 97 21.46 2.02 -8.12
C ILE A 97 21.12 2.86 -6.90
N GLY A 98 20.03 3.63 -6.99
CA GLY A 98 19.57 4.44 -5.88
C GLY A 98 18.34 3.83 -5.25
N ILE A 99 18.42 3.58 -3.93
CA ILE A 99 17.29 3.00 -3.21
C ILE A 99 16.96 3.84 -1.99
N ALA A 100 15.92 3.43 -1.25
CA ALA A 100 15.49 4.17 -0.07
C ALA A 100 15.60 3.33 1.19
N SER A 101 15.08 2.10 1.15
CA SER A 101 15.02 1.25 2.34
C SER A 101 16.16 0.23 2.38
N ASN A 102 16.40 -0.29 3.58
CA ASN A 102 17.40 -1.34 3.78
C ASN A 102 17.04 -2.60 3.02
N GLU A 103 15.76 -2.95 3.03
CA GLU A 103 15.28 -4.14 2.35
C GLU A 103 15.54 -4.07 0.84
N GLU A 104 15.37 -2.89 0.28
CA GLU A 104 15.64 -2.67 -1.14
C GLU A 104 17.11 -2.89 -1.43
N ALA A 105 17.97 -2.44 -0.52
CA ALA A 105 19.41 -2.64 -0.67
C ALA A 105 19.75 -4.12 -0.58
N ARG A 106 19.14 -4.82 0.37
CA ARG A 106 19.36 -6.25 0.54
C ARG A 106 19.05 -7.00 -0.74
N VAL A 107 17.86 -6.75 -1.29
CA VAL A 107 17.42 -7.45 -2.49
C VAL A 107 18.32 -7.13 -3.68
N ALA A 108 18.75 -5.87 -3.77
CA ALA A 108 19.63 -5.47 -4.87
C ALA A 108 20.90 -6.30 -4.88
N ARG A 109 21.51 -6.48 -3.71
CA ARG A 109 22.73 -7.27 -3.59
C ARG A 109 22.46 -8.74 -3.87
N GLU A 110 21.34 -9.25 -3.36
CA GLU A 110 20.99 -10.65 -3.52
C GLU A 110 20.73 -11.00 -4.99
N LYS A 111 20.24 -10.03 -5.76
CA LYS A 111 19.92 -10.26 -7.16
C LYS A 111 21.13 -10.00 -8.08
N GLY A 112 22.30 -9.77 -7.47
CA GLY A 112 23.54 -9.76 -8.22
C GLY A 112 24.16 -8.41 -8.52
N PHE A 113 23.62 -7.34 -7.94
CA PHE A 113 24.16 -6.01 -8.18
C PHE A 113 25.46 -5.81 -7.39
N THR A 114 26.52 -5.41 -8.07
CA THR A 114 27.83 -5.26 -7.46
C THR A 114 28.36 -3.82 -7.58
N GLY A 115 27.53 -2.92 -8.09
CA GLY A 115 27.95 -1.54 -8.30
C GLY A 115 27.72 -0.66 -7.09
N ARG A 116 27.71 0.65 -7.32
CA ARG A 116 27.46 1.61 -6.26
C ARG A 116 26.00 1.56 -5.82
N LEU A 117 25.78 1.31 -4.53
CA LEU A 117 24.44 1.26 -3.97
C LEU A 117 24.29 2.39 -2.96
N MET A 118 23.52 3.42 -3.33
CA MET A 118 23.39 4.60 -2.49
C MET A 118 21.94 4.88 -2.12
N ARG A 119 21.73 5.43 -0.92
CA ARG A 119 20.40 5.81 -0.47
C ARG A 119 20.11 7.23 -0.94
N VAL A 120 18.92 7.46 -1.47
CA VAL A 120 18.55 8.76 -2.02
C VAL A 120 17.75 9.60 -1.03
N ARG A 121 17.73 9.18 0.24
CA ARG A 121 17.07 9.95 1.29
C ARG A 121 17.84 9.81 2.60
N ALA A 122 17.61 10.75 3.51
CA ALA A 122 18.17 10.67 4.85
C ALA A 122 17.63 9.42 5.53
N ALA A 123 18.45 8.81 6.38
CA ALA A 123 18.06 7.58 7.06
C ALA A 123 18.22 7.73 8.57
N THR A 124 17.51 6.89 9.32
CA THR A 124 17.61 6.87 10.76
C THR A 124 18.89 6.16 11.18
N PRO A 125 19.38 6.43 12.39
CA PRO A 125 20.58 5.75 12.89
C PRO A 125 20.45 4.23 12.81
N ALA A 126 19.28 3.71 13.15
CA ALA A 126 19.04 2.27 13.11
C ALA A 126 19.19 1.74 11.70
N GLU A 127 18.60 2.45 10.73
CA GLU A 127 18.69 2.05 9.33
C GLU A 127 20.14 2.00 8.86
N VAL A 128 20.89 3.06 9.15
CA VAL A 128 22.28 3.14 8.71
C VAL A 128 23.10 1.98 9.27
N GLU A 129 22.95 1.72 10.56
CA GLU A 129 23.74 0.69 11.23
C GLU A 129 23.42 -0.70 10.71
N GLN A 130 22.13 -0.98 10.49
CA GLN A 130 21.71 -2.30 10.04
C GLN A 130 21.86 -2.49 8.54
N ALA A 131 22.31 -1.46 7.85
CA ALA A 131 22.52 -1.53 6.40
C ALA A 131 23.98 -1.81 6.06
N LEU A 132 24.82 -1.92 7.07
CA LEU A 132 26.26 -2.12 6.86
C LEU A 132 26.58 -3.36 6.03
N PRO A 133 25.84 -4.46 6.23
CA PRO A 133 26.12 -5.68 5.47
C PRO A 133 25.96 -5.50 3.96
N TYR A 134 25.22 -4.48 3.55
CA TYR A 134 24.92 -4.27 2.13
C TYR A 134 25.95 -3.38 1.46
N LYS A 135 26.91 -2.88 2.23
CA LYS A 135 27.99 -2.08 1.68
C LYS A 135 27.46 -0.98 0.78
N MET A 136 26.55 -0.17 1.31
CA MET A 136 25.93 0.90 0.56
C MET A 136 26.43 2.27 1.04
N GLU A 137 25.98 3.32 0.38
CA GLU A 137 26.43 4.67 0.67
C GLU A 137 25.26 5.53 1.14
N GLU A 138 25.52 6.40 2.11
CA GLU A 138 24.45 7.18 2.75
C GLU A 138 24.43 8.63 2.28
N LEU A 139 23.37 9.33 2.65
CA LEU A 139 23.18 10.72 2.27
C LEU A 139 23.10 11.59 3.53
N ILE A 140 23.92 12.63 3.59
CA ILE A 140 23.96 13.48 4.78
C ILE A 140 23.75 14.96 4.45
N GLY A 141 22.98 15.65 5.29
CA GLY A 141 22.70 17.05 5.10
C GLY A 141 22.75 17.87 6.38
N SER A 142 23.29 17.28 7.45
CA SER A 142 23.45 17.98 8.71
C SER A 142 24.63 17.37 9.49
N LEU A 143 25.28 18.19 10.30
CA LEU A 143 26.43 17.73 11.07
C LEU A 143 26.03 16.67 12.09
N VAL A 144 24.96 16.93 12.83
CA VAL A 144 24.50 16.01 13.85
C VAL A 144 24.21 14.63 13.27
N SER A 145 23.57 14.59 12.10
CA SER A 145 23.24 13.33 11.46
C SER A 145 24.50 12.65 10.93
N ALA A 146 25.47 13.45 10.50
CA ALA A 146 26.73 12.92 9.99
C ALA A 146 27.56 12.35 11.13
N GLN A 147 27.54 13.04 12.27
CA GLN A 147 28.27 12.59 13.45
C GLN A 147 27.73 11.25 13.93
N GLY A 148 26.41 11.10 13.88
CA GLY A 148 25.77 9.85 14.27
C GLY A 148 26.20 8.70 13.37
N ILE A 149 26.28 8.98 12.08
CA ILE A 149 26.71 7.98 11.10
C ILE A 149 28.19 7.65 11.33
N ALA A 150 28.98 8.67 11.63
CA ALA A 150 30.39 8.49 11.89
C ALA A 150 30.60 7.63 13.14
N ASP A 151 29.78 7.88 14.16
CA ASP A 151 29.84 7.11 15.39
C ASP A 151 29.56 5.63 15.11
N ILE A 152 28.58 5.38 14.24
CA ILE A 152 28.24 4.02 13.86
C ILE A 152 29.41 3.35 13.15
N ALA A 153 30.01 4.05 12.21
CA ALA A 153 31.15 3.52 11.45
C ALA A 153 32.31 3.19 12.39
N GLN A 154 32.58 4.10 13.33
CA GLN A 154 33.67 3.92 14.27
C GLN A 154 33.46 2.70 15.15
N ARG A 155 32.24 2.54 15.65
CA ARG A 155 31.92 1.41 16.53
C ARG A 155 32.09 0.07 15.81
N HIS A 156 31.78 0.04 14.52
CA HIS A 156 31.88 -1.19 13.74
C HIS A 156 33.23 -1.29 13.02
N HIS A 157 34.16 -0.41 13.37
CA HIS A 157 35.51 -0.46 12.84
C HIS A 157 35.49 -0.54 11.32
N THR A 158 34.56 0.17 10.70
CA THR A 158 34.43 0.17 9.25
C THR A 158 34.35 1.61 8.74
N ASN A 159 34.05 1.75 7.46
CA ASN A 159 33.90 3.07 6.86
C ASN A 159 32.60 3.16 6.07
N ILE A 160 31.93 4.30 6.17
CA ILE A 160 30.66 4.52 5.48
C ILE A 160 30.81 5.64 4.46
N PRO A 161 30.79 5.29 3.16
CA PRO A 161 30.83 6.32 2.13
C PRO A 161 29.57 7.20 2.19
N VAL A 162 29.73 8.50 2.03
CA VAL A 162 28.60 9.42 2.13
C VAL A 162 28.57 10.40 0.96
N HIS A 163 27.35 10.75 0.55
CA HIS A 163 27.15 11.80 -0.44
C HIS A 163 26.66 13.05 0.28
N ILE A 164 27.31 14.17 0.03
CA ILE A 164 26.93 15.43 0.65
C ILE A 164 25.77 16.05 -0.11
N ALA A 165 24.60 16.11 0.54
CA ALA A 165 23.43 16.72 -0.06
C ALA A 165 23.47 18.24 0.14
N LEU A 166 23.49 18.98 -0.96
CA LEU A 166 23.47 20.43 -0.90
C LEU A 166 22.10 20.94 -1.33
N ASN A 167 21.66 22.03 -0.70
CA ASN A 167 20.34 22.59 -0.98
C ASN A 167 20.39 23.65 -2.08
N SER A 168 21.30 23.48 -3.02
CA SER A 168 21.53 24.46 -4.07
C SER A 168 20.26 24.75 -4.88
N ALA A 169 19.47 23.70 -5.15
CA ALA A 169 18.29 23.84 -5.98
C ALA A 169 17.05 24.25 -5.18
N GLY A 170 17.14 24.19 -3.85
CA GLY A 170 16.10 24.72 -2.99
C GLY A 170 14.97 23.77 -2.65
N MET A 171 15.24 22.47 -2.66
CA MET A 171 14.25 21.48 -2.27
C MET A 171 13.99 21.55 -0.77
N SER A 172 15.03 21.91 -0.02
CA SER A 172 14.95 22.01 1.43
C SER A 172 14.40 20.73 2.04
N ARG A 173 15.03 19.61 1.71
CA ARG A 173 14.60 18.31 2.18
C ARG A 173 15.75 17.55 2.85
N ASN A 174 16.71 17.10 2.04
CA ASN A 174 17.84 16.32 2.54
C ASN A 174 19.14 17.11 2.59
N GLY A 175 19.16 18.30 1.99
CA GLY A 175 20.41 19.01 1.79
C GLY A 175 20.73 20.10 2.79
N ILE A 176 22.02 20.33 2.99
CA ILE A 176 22.49 21.41 3.83
C ILE A 176 22.56 22.69 3.01
N ASP A 177 22.12 23.81 3.58
CA ASP A 177 22.02 25.06 2.86
C ASP A 177 23.23 25.95 3.13
N LEU A 178 24.05 26.16 2.12
CA LEU A 178 25.31 26.89 2.27
C LEU A 178 25.13 28.40 2.31
N ARG A 179 23.88 28.86 2.20
CA ARG A 179 23.60 30.29 2.32
C ARG A 179 23.61 30.71 3.78
N LEU A 180 23.68 29.72 4.67
CA LEU A 180 23.83 29.98 6.10
C LEU A 180 25.29 29.81 6.50
N ALA A 181 25.85 30.81 7.15
CA ALA A 181 27.26 30.79 7.55
C ALA A 181 27.56 29.59 8.44
N ASP A 182 26.64 29.29 9.35
CA ASP A 182 26.83 28.18 10.28
C ASP A 182 26.81 26.84 9.55
N SER A 183 26.01 26.77 8.50
CA SER A 183 25.90 25.56 7.70
C SER A 183 27.18 25.29 6.91
N LYS A 184 27.80 26.36 6.43
CA LYS A 184 29.06 26.24 5.70
C LYS A 184 30.13 25.63 6.60
N GLU A 185 30.21 26.11 7.84
CA GLU A 185 31.17 25.59 8.80
C GLU A 185 30.86 24.13 9.13
N ASP A 186 29.58 23.81 9.27
CA ASP A 186 29.16 22.45 9.55
C ASP A 186 29.50 21.52 8.39
N ALA A 187 29.35 22.01 7.17
CA ALA A 187 29.64 21.23 5.98
C ALA A 187 31.11 20.80 5.95
N LEU A 188 31.99 21.73 6.27
CA LEU A 188 33.42 21.44 6.27
C LEU A 188 33.78 20.48 7.39
N ALA A 189 33.08 20.59 8.52
CA ALA A 189 33.30 19.70 9.65
C ALA A 189 32.84 18.28 9.31
N MET A 190 31.76 18.18 8.56
CA MET A 190 31.21 16.89 8.16
C MET A 190 32.21 16.10 7.32
N LEU A 191 32.97 16.81 6.47
CA LEU A 191 33.92 16.17 5.58
C LEU A 191 35.08 15.51 6.32
N LYS A 192 35.41 16.03 7.50
CA LYS A 192 36.58 15.58 8.24
C LYS A 192 36.26 14.52 9.29
N LEU A 193 34.99 14.14 9.40
CA LEU A 193 34.57 13.16 10.40
C LEU A 193 35.20 11.80 10.15
N LYS A 194 35.77 11.22 11.21
CA LYS A 194 36.37 9.89 11.12
C LYS A 194 35.29 8.83 10.98
N GLY A 195 35.49 7.91 10.05
CA GLY A 195 34.55 6.82 9.85
C GLY A 195 33.72 6.96 8.58
N ILE A 196 33.64 8.17 8.06
CA ILE A 196 32.91 8.41 6.82
C ILE A 196 33.82 9.04 5.77
N THR A 197 33.53 8.77 4.51
CA THR A 197 34.33 9.30 3.40
C THR A 197 33.41 9.95 2.38
N PRO A 198 33.59 11.26 2.14
CA PRO A 198 32.80 11.93 1.10
C PRO A 198 33.17 11.42 -0.28
N VAL A 199 32.20 10.80 -0.96
CA VAL A 199 32.43 10.24 -2.28
C VAL A 199 31.51 10.87 -3.32
N GLY A 200 30.71 11.84 -2.91
CA GLY A 200 29.80 12.49 -3.83
C GLY A 200 29.21 13.79 -3.32
N ILE A 201 28.76 14.61 -4.25
CA ILE A 201 28.08 15.87 -3.94
C ILE A 201 26.84 15.93 -4.82
N MET A 202 25.69 16.21 -4.21
CA MET A 202 24.44 16.18 -4.97
C MET A 202 23.47 17.28 -4.56
N THR A 203 22.52 17.53 -5.44
CA THR A 203 21.36 18.37 -5.13
C THR A 203 20.17 17.78 -5.87
N HIS A 204 18.99 18.35 -5.68
CA HIS A 204 17.78 17.82 -6.29
C HIS A 204 16.84 18.96 -6.68
N PHE A 205 16.27 18.86 -7.88
CA PHE A 205 15.41 19.91 -8.41
C PHE A 205 13.96 19.75 -7.96
N PRO A 206 13.40 20.78 -7.32
CA PRO A 206 12.02 20.74 -6.80
C PRO A 206 10.95 21.06 -7.85
N VAL A 207 11.37 21.57 -9.01
CA VAL A 207 10.42 22.00 -10.03
C VAL A 207 10.77 21.45 -11.40
N GLU A 208 9.78 20.85 -12.07
CA GLU A 208 9.99 20.34 -13.43
C GLU A 208 9.79 21.45 -14.45
N GLU A 209 10.68 22.45 -14.40
CA GLU A 209 10.66 23.55 -15.35
C GLU A 209 12.10 23.87 -15.74
N LYS A 210 12.32 24.11 -17.03
CA LYS A 210 13.67 24.32 -17.54
C LYS A 210 14.40 25.44 -16.81
N GLU A 211 13.76 26.61 -16.70
CA GLU A 211 14.40 27.76 -16.09
C GLU A 211 14.75 27.51 -14.62
N ASP A 212 13.82 26.91 -13.89
CA ASP A 212 14.03 26.64 -12.48
C ASP A 212 15.22 25.70 -12.30
N VAL A 213 15.30 24.69 -13.17
CA VAL A 213 16.41 23.73 -13.12
C VAL A 213 17.73 24.42 -13.46
N LYS A 214 17.70 25.30 -14.44
CA LYS A 214 18.90 26.04 -14.85
C LYS A 214 19.37 26.96 -13.73
N MET A 215 18.43 27.53 -13.00
CA MET A 215 18.75 28.37 -11.85
C MET A 215 19.43 27.54 -10.78
N GLY A 216 18.88 26.36 -10.52
CA GLY A 216 19.39 25.48 -9.48
C GLY A 216 20.77 24.92 -9.80
N LEU A 217 20.97 24.48 -11.05
CA LEU A 217 22.23 23.87 -11.44
C LEU A 217 23.34 24.93 -11.47
N ALA A 218 22.97 26.16 -11.78
CA ALA A 218 23.92 27.27 -11.76
C ALA A 218 24.43 27.50 -10.34
N GLN A 219 23.51 27.43 -9.38
CA GLN A 219 23.86 27.60 -7.98
C GLN A 219 24.62 26.37 -7.46
N PHE A 220 24.27 25.21 -8.02
CA PHE A 220 24.92 23.96 -7.62
C PHE A 220 26.38 23.96 -8.05
N LYS A 221 26.66 24.55 -9.20
CA LYS A 221 28.04 24.67 -9.68
C LYS A 221 28.87 25.48 -8.68
N LEU A 222 28.31 26.58 -8.20
CA LEU A 222 29.00 27.42 -7.23
C LEU A 222 29.21 26.69 -5.91
N ASP A 223 28.16 26.04 -5.42
CA ASP A 223 28.20 25.37 -4.12
C ASP A 223 29.13 24.17 -4.13
N SER A 224 29.06 23.35 -5.18
CA SER A 224 29.88 22.16 -5.28
C SER A 224 31.36 22.51 -5.42
N GLN A 225 31.65 23.58 -6.15
CA GLN A 225 33.02 24.02 -6.34
C GLN A 225 33.59 24.58 -5.03
N TRP A 226 32.74 25.25 -4.26
CA TRP A 226 33.16 25.80 -2.98
C TRP A 226 33.50 24.68 -2.00
N LEU A 227 32.69 23.62 -2.01
CA LEU A 227 32.90 22.50 -1.11
C LEU A 227 34.19 21.77 -1.46
N LEU A 228 34.42 21.58 -2.76
CA LEU A 228 35.64 20.93 -3.23
C LEU A 228 36.88 21.71 -2.81
N GLU A 229 36.80 23.04 -2.93
CA GLU A 229 37.94 23.90 -2.60
C GLU A 229 38.11 24.04 -1.09
N ALA A 230 37.07 24.52 -0.41
CA ALA A 230 37.12 24.73 1.03
C ALA A 230 37.41 23.43 1.78
N GLY A 231 36.92 22.32 1.23
CA GLY A 231 37.12 21.02 1.84
C GLY A 231 38.39 20.33 1.34
N LYS A 232 39.04 20.93 0.35
CA LYS A 232 40.26 20.37 -0.22
C LYS A 232 40.03 18.91 -0.62
N LEU A 233 38.97 18.67 -1.38
CA LEU A 233 38.63 17.32 -1.81
C LEU A 233 39.26 17.02 -3.17
N ASP A 234 39.65 15.76 -3.37
CA ASP A 234 40.17 15.31 -4.65
C ASP A 234 39.01 14.95 -5.57
N ARG A 235 38.95 15.62 -6.72
CA ARG A 235 37.84 15.47 -7.65
C ARG A 235 37.66 14.04 -8.12
N SER A 236 38.76 13.30 -8.24
CA SER A 236 38.71 11.94 -8.77
C SER A 236 37.92 10.99 -7.87
N LYS A 237 37.73 11.38 -6.61
CA LYS A 237 37.04 10.53 -5.65
C LYS A 237 35.59 10.98 -5.44
N ILE A 238 35.18 12.04 -6.11
CA ILE A 238 33.85 12.62 -5.91
C ILE A 238 32.99 12.52 -7.17
N THR A 239 31.77 12.02 -6.99
CA THR A 239 30.80 11.99 -8.08
C THR A 239 29.77 13.10 -7.87
N ILE A 240 29.64 13.98 -8.86
CA ILE A 240 28.70 15.09 -8.80
C ILE A 240 27.46 14.77 -9.63
N HIS A 241 26.29 14.87 -9.01
CA HIS A 241 25.04 14.46 -9.65
C HIS A 241 23.86 15.27 -9.12
N ALA A 242 22.92 15.58 -10.00
CA ALA A 242 21.80 16.45 -9.64
C ALA A 242 20.47 16.13 -10.34
N ALA A 243 20.53 15.53 -11.52
CA ALA A 243 19.36 15.47 -12.40
C ALA A 243 18.47 14.24 -12.19
N ASN A 244 17.16 14.50 -12.10
CA ASN A 244 16.17 13.44 -12.17
C ASN A 244 15.71 13.27 -13.61
N SER A 245 14.61 12.54 -13.83
CA SER A 245 14.15 12.27 -15.19
C SER A 245 13.96 13.53 -16.03
N PHE A 246 13.20 14.49 -15.49
CA PHE A 246 12.91 15.72 -16.22
C PHE A 246 14.18 16.46 -16.60
N ALA A 247 15.04 16.69 -15.62
CA ALA A 247 16.28 17.42 -15.85
C ALA A 247 17.17 16.68 -16.85
N THR A 248 17.19 15.36 -16.76
CA THR A 248 18.01 14.55 -17.65
C THR A 248 17.58 14.70 -19.10
N LEU A 249 16.27 14.77 -19.33
CA LEU A 249 15.74 14.83 -20.70
C LEU A 249 15.73 16.25 -21.26
N GLU A 250 15.41 17.23 -20.41
CA GLU A 250 15.16 18.59 -20.88
C GLU A 250 16.33 19.55 -20.65
N VAL A 251 17.21 19.22 -19.70
CA VAL A 251 18.30 20.11 -19.33
C VAL A 251 19.63 19.36 -19.25
N PRO A 252 20.23 19.06 -20.41
CA PRO A 252 21.51 18.34 -20.46
C PRO A 252 22.64 19.07 -19.72
N ASP A 253 22.46 20.36 -19.44
CA ASP A 253 23.43 21.11 -18.65
C ASP A 253 23.51 20.57 -17.22
N ALA A 254 22.53 19.77 -16.83
CA ALA A 254 22.49 19.20 -15.48
C ALA A 254 23.01 17.77 -15.46
N TYR A 255 23.68 17.35 -16.52
CA TYR A 255 24.24 16.01 -16.59
C TYR A 255 25.27 15.77 -15.49
N PHE A 256 26.24 16.68 -15.39
CA PHE A 256 27.36 16.51 -14.47
C PHE A 256 27.97 15.11 -14.66
N ASP A 257 28.37 14.46 -13.56
CA ASP A 257 29.04 13.17 -13.67
C ASP A 257 28.06 12.03 -13.85
N MET A 258 26.89 12.15 -13.23
CA MET A 258 25.93 11.05 -13.17
C MET A 258 24.51 11.59 -13.05
N VAL A 259 23.57 10.88 -13.65
CA VAL A 259 22.16 11.26 -13.59
C VAL A 259 21.37 10.23 -12.81
N ARG A 260 20.26 10.67 -12.23
CA ARG A 260 19.43 9.81 -11.38
C ARG A 260 18.02 9.66 -11.94
N PRO A 261 17.89 8.97 -13.08
CA PRO A 261 16.57 8.77 -13.69
C PRO A 261 15.75 7.71 -12.96
N GLY A 262 14.49 8.02 -12.70
CA GLY A 262 13.56 7.06 -12.13
C GLY A 262 12.42 6.77 -13.06
N GLY A 263 11.39 7.61 -13.01
CA GLY A 263 10.20 7.44 -13.83
C GLY A 263 10.52 7.13 -15.28
N LEU A 264 11.53 7.80 -15.82
CA LEU A 264 11.95 7.60 -17.19
C LEU A 264 12.14 6.12 -17.51
N LEU A 265 12.80 5.40 -16.61
CA LEU A 265 13.11 4.00 -16.81
C LEU A 265 11.87 3.12 -16.81
N TYR A 266 10.80 3.61 -16.19
CA TYR A 266 9.56 2.83 -16.09
C TYR A 266 8.51 3.29 -17.08
N GLY A 267 8.86 4.25 -17.92
CA GLY A 267 7.94 4.78 -18.92
C GLY A 267 6.94 5.76 -18.32
N ASP A 268 7.31 6.36 -17.19
CA ASP A 268 6.45 7.35 -16.53
C ASP A 268 7.18 8.69 -16.41
N SER A 269 7.36 9.35 -17.56
CA SER A 269 7.99 10.66 -17.58
C SER A 269 7.23 11.58 -18.53
N ILE A 270 7.95 12.39 -19.29
CA ILE A 270 7.32 13.33 -20.20
C ILE A 270 6.67 12.56 -21.35
N PRO A 271 5.33 12.60 -21.45
CA PRO A 271 4.58 11.80 -22.41
C PRO A 271 5.07 11.93 -23.85
N SER A 272 5.55 13.11 -24.23
CA SER A 272 6.00 13.36 -25.60
C SER A 272 7.15 12.43 -25.99
N TYR A 273 7.95 12.03 -25.00
CA TYR A 273 9.06 11.12 -25.24
C TYR A 273 8.55 9.68 -25.31
N THR A 274 7.86 9.37 -26.40
CA THR A 274 7.21 8.08 -26.58
C THR A 274 8.19 6.92 -26.70
N GLU A 275 9.46 7.22 -26.91
CA GLU A 275 10.47 6.17 -27.08
C GLU A 275 10.63 5.36 -25.78
N TYR A 276 10.20 5.93 -24.67
CA TYR A 276 10.23 5.22 -23.39
C TYR A 276 8.89 4.55 -23.13
N LYS A 277 8.91 3.22 -23.03
CA LYS A 277 7.68 2.43 -23.01
C LYS A 277 7.20 2.13 -21.59
N ARG A 278 5.88 2.08 -21.42
CA ARG A 278 5.27 1.76 -20.14
C ARG A 278 5.64 0.34 -19.72
N VAL A 279 6.17 0.20 -18.52
CA VAL A 279 6.62 -1.10 -18.03
C VAL A 279 5.50 -1.88 -17.36
N MET A 280 4.60 -1.17 -16.67
CA MET A 280 3.60 -1.84 -15.85
C MET A 280 2.16 -1.65 -16.33
N ALA A 281 1.35 -2.67 -16.12
CA ALA A 281 -0.09 -2.60 -16.33
C ALA A 281 -0.79 -3.18 -15.11
N PHE A 282 -1.99 -2.69 -14.82
CA PHE A 282 -2.74 -3.09 -13.65
C PHE A 282 -3.99 -3.86 -14.10
N LYS A 283 -4.14 -5.11 -13.63
CA LYS A 283 -5.22 -5.96 -14.09
C LYS A 283 -5.94 -6.71 -12.97
N THR A 284 -7.13 -7.18 -13.28
CA THR A 284 -7.89 -8.04 -12.37
C THR A 284 -8.78 -8.95 -13.21
N GLN A 285 -9.67 -9.69 -12.55
CA GLN A 285 -10.60 -10.56 -13.25
C GLN A 285 -12.00 -10.42 -12.67
N VAL A 286 -13.01 -10.77 -13.48
CA VAL A 286 -14.38 -10.76 -13.03
C VAL A 286 -14.61 -11.94 -12.09
N ALA A 287 -15.20 -11.67 -10.92
CA ALA A 287 -15.50 -12.73 -9.96
C ALA A 287 -16.93 -13.23 -10.16
N SER A 288 -17.84 -12.30 -10.45
CA SER A 288 -19.24 -12.63 -10.64
C SER A 288 -19.93 -11.54 -11.43
N VAL A 289 -20.97 -11.92 -12.18
CA VAL A 289 -21.79 -10.95 -12.89
C VAL A 289 -23.22 -11.07 -12.37
N ASN A 290 -23.65 -10.07 -11.62
CA ASN A 290 -24.92 -10.14 -10.89
C ASN A 290 -26.00 -9.25 -11.51
N HIS A 291 -27.24 -9.73 -11.43
CA HIS A 291 -28.38 -9.04 -12.03
C HIS A 291 -29.14 -8.24 -10.98
N TYR A 292 -29.27 -6.93 -11.21
CA TYR A 292 -29.99 -6.06 -10.28
C TYR A 292 -30.99 -5.19 -11.03
N PRO A 293 -32.20 -5.04 -10.48
CA PRO A 293 -33.27 -4.27 -11.12
C PRO A 293 -33.07 -2.76 -10.99
N ALA A 294 -33.73 -1.99 -11.85
CA ALA A 294 -33.69 -0.54 -11.78
C ALA A 294 -34.24 -0.09 -10.44
N GLY A 295 -33.68 0.99 -9.91
CA GLY A 295 -34.10 1.51 -8.62
C GLY A 295 -33.15 1.11 -7.51
N ASN A 296 -32.49 -0.02 -7.69
CA ASN A 296 -31.48 -0.48 -6.73
C ASN A 296 -30.35 0.51 -6.60
N THR A 297 -29.72 0.53 -5.42
CA THR A 297 -28.53 1.34 -5.20
C THR A 297 -27.33 0.41 -5.04
N VAL A 298 -26.13 0.94 -5.26
CA VAL A 298 -24.92 0.13 -5.26
C VAL A 298 -23.89 0.63 -4.25
N GLY A 299 -23.43 -0.28 -3.40
CA GLY A 299 -22.35 0.02 -2.48
C GLY A 299 -22.81 0.71 -1.20
N TYR A 300 -21.85 0.93 -0.28
CA TYR A 300 -22.15 1.60 0.98
C TYR A 300 -22.76 2.97 0.76
N ASP A 301 -23.70 3.34 1.63
CA ASP A 301 -24.29 4.67 1.60
C ASP A 301 -25.07 4.96 0.31
N ARG A 302 -25.38 3.91 -0.44
CA ARG A 302 -26.24 4.02 -1.61
C ARG A 302 -25.94 5.28 -2.43
N THR A 303 -24.68 5.43 -2.83
CA THR A 303 -24.25 6.64 -3.52
C THR A 303 -24.53 6.60 -5.03
N PHE A 304 -24.89 5.42 -5.53
CA PHE A 304 -25.22 5.28 -6.94
C PHE A 304 -26.52 4.51 -7.12
N THR A 305 -27.41 5.03 -7.95
CA THR A 305 -28.71 4.41 -8.20
C THR A 305 -28.81 3.92 -9.64
N LEU A 306 -29.10 2.63 -9.80
CA LEU A 306 -29.32 2.05 -11.12
C LEU A 306 -30.61 2.63 -11.70
N LYS A 307 -30.51 3.20 -12.90
CA LYS A 307 -31.67 3.78 -13.57
C LYS A 307 -32.19 2.86 -14.67
N ARG A 308 -31.76 1.61 -14.63
CA ARG A 308 -32.19 0.59 -15.58
C ARG A 308 -31.81 -0.78 -15.06
N ASP A 309 -32.50 -1.82 -15.52
CA ASP A 309 -32.12 -3.18 -15.18
C ASP A 309 -30.69 -3.42 -15.63
N SER A 310 -29.83 -3.84 -14.71
CA SER A 310 -28.39 -3.86 -14.96
C SER A 310 -27.73 -5.18 -14.60
N TRP A 311 -26.66 -5.50 -15.33
CA TRP A 311 -25.77 -6.57 -14.95
C TRP A 311 -24.44 -5.97 -14.52
N LEU A 312 -24.08 -6.16 -13.25
CA LEU A 312 -22.87 -5.57 -12.71
C LEU A 312 -21.78 -6.62 -12.52
N ALA A 313 -20.59 -6.32 -13.01
CA ALA A 313 -19.43 -7.20 -12.83
C ALA A 313 -18.77 -6.92 -11.49
N ASN A 314 -18.67 -7.97 -10.67
CA ASN A 314 -18.03 -7.88 -9.37
C ASN A 314 -16.54 -8.16 -9.48
N LEU A 315 -15.71 -7.17 -9.16
CA LEU A 315 -14.26 -7.33 -9.22
C LEU A 315 -13.69 -7.44 -7.81
N PRO A 316 -12.79 -8.42 -7.60
CA PRO A 316 -12.32 -8.74 -6.25
C PRO A 316 -11.18 -7.88 -5.73
N LEU A 317 -11.23 -6.57 -5.98
CA LEU A 317 -10.28 -5.66 -5.37
C LEU A 317 -10.98 -4.39 -4.91
N GLY A 318 -10.45 -3.79 -3.85
CA GLY A 318 -11.01 -2.57 -3.29
C GLY A 318 -9.91 -1.58 -2.97
N TYR A 319 -10.18 -0.65 -2.06
CA TYR A 319 -9.21 0.40 -1.74
C TYR A 319 -8.03 -0.14 -0.94
N SER A 320 -8.21 -1.30 -0.29
CA SER A 320 -7.11 -1.93 0.42
C SER A 320 -6.10 -2.51 -0.55
N ASP A 321 -6.52 -2.66 -1.81
CA ASP A 321 -5.65 -3.14 -2.87
C ASP A 321 -5.14 -1.98 -3.72
N GLY A 322 -5.31 -0.76 -3.23
CA GLY A 322 -4.77 0.42 -3.88
C GLY A 322 -5.70 1.07 -4.89
N TYR A 323 -6.95 0.61 -4.94
CA TYR A 323 -7.91 1.17 -5.88
C TYR A 323 -8.59 2.41 -5.32
N ARG A 324 -8.80 3.40 -6.19
CA ARG A 324 -9.47 4.64 -5.84
C ARG A 324 -10.66 4.42 -4.92
N ARG A 325 -10.73 5.21 -3.86
CA ARG A 325 -11.88 5.20 -2.98
C ARG A 325 -12.73 6.45 -3.15
N ALA A 326 -12.09 7.52 -3.61
CA ALA A 326 -12.78 8.79 -3.83
C ALA A 326 -13.93 8.63 -4.81
N LEU A 327 -15.07 9.21 -4.48
CA LEU A 327 -16.24 9.15 -5.36
C LEU A 327 -15.89 9.67 -6.74
N SER A 328 -16.47 9.03 -7.76
CA SER A 328 -16.20 9.41 -9.14
C SER A 328 -17.33 8.97 -10.06
N ASN A 329 -17.85 9.92 -10.84
CA ASN A 329 -18.89 9.63 -11.82
C ASN A 329 -18.30 9.53 -13.23
N LYS A 330 -17.01 9.22 -13.29
CA LYS A 330 -16.30 9.10 -14.57
C LYS A 330 -15.38 7.87 -14.62
N ALA A 331 -14.91 7.43 -13.46
CA ALA A 331 -13.97 6.31 -13.41
C ALA A 331 -14.46 5.13 -14.24
N TYR A 332 -13.52 4.45 -14.90
CA TYR A 332 -13.85 3.34 -15.79
C TYR A 332 -12.74 2.30 -15.82
N VAL A 333 -13.08 1.11 -16.32
CA VAL A 333 -12.12 0.05 -16.56
C VAL A 333 -12.36 -0.53 -17.94
N LEU A 334 -11.51 -1.46 -18.36
CA LEU A 334 -11.65 -2.05 -19.68
C LEU A 334 -12.05 -3.51 -19.62
N ILE A 335 -13.13 -3.85 -20.32
CA ILE A 335 -13.57 -5.23 -20.45
C ILE A 335 -14.01 -5.46 -21.90
N GLN A 336 -13.51 -6.54 -22.50
CA GLN A 336 -13.78 -6.83 -23.90
C GLN A 336 -13.31 -5.69 -24.80
N GLY A 337 -12.26 -5.00 -24.38
CA GLY A 337 -11.70 -3.90 -25.14
C GLY A 337 -12.63 -2.70 -25.20
N GLN A 338 -13.46 -2.56 -24.18
CA GLN A 338 -14.43 -1.47 -24.11
C GLN A 338 -14.40 -0.78 -22.75
N LYS A 339 -14.57 0.54 -22.75
CA LYS A 339 -14.70 1.28 -21.51
C LYS A 339 -16.04 0.96 -20.85
N VAL A 340 -15.99 0.63 -19.56
CA VAL A 340 -17.20 0.41 -18.78
C VAL A 340 -17.08 1.12 -17.43
N PRO A 341 -18.16 1.79 -17.01
CA PRO A 341 -18.11 2.66 -15.82
C PRO A 341 -18.10 1.89 -14.50
N VAL A 342 -17.36 2.40 -13.54
CA VAL A 342 -17.34 1.84 -12.19
C VAL A 342 -18.40 2.55 -11.36
N VAL A 343 -19.28 1.78 -10.75
CA VAL A 343 -20.44 2.34 -10.06
C VAL A 343 -20.43 2.00 -8.57
N GLY A 344 -20.93 2.95 -7.76
CA GLY A 344 -20.99 2.76 -6.33
C GLY A 344 -19.67 3.12 -5.66
N LYS A 345 -19.72 3.30 -4.34
CA LYS A 345 -18.53 3.64 -3.57
C LYS A 345 -17.63 2.42 -3.43
N THR A 346 -16.33 2.63 -3.51
CA THR A 346 -15.35 1.55 -3.43
C THR A 346 -15.34 0.93 -2.04
N SER A 347 -15.44 -0.39 -1.99
CA SER A 347 -15.36 -1.12 -0.73
C SER A 347 -13.91 -1.52 -0.47
N MET A 348 -13.66 -2.09 0.71
CA MET A 348 -12.29 -2.44 1.09
C MET A 348 -11.67 -3.47 0.15
N ASN A 349 -12.49 -4.39 -0.35
CA ASN A 349 -11.98 -5.52 -1.14
C ASN A 349 -12.69 -5.77 -2.47
N THR A 350 -13.69 -4.95 -2.79
CA THR A 350 -14.51 -5.19 -3.97
C THR A 350 -14.99 -3.90 -4.63
N ILE A 351 -15.10 -3.93 -5.96
CA ILE A 351 -15.74 -2.85 -6.70
C ILE A 351 -16.70 -3.42 -7.74
N MET A 352 -17.65 -2.60 -8.17
CA MET A 352 -18.67 -3.04 -9.12
C MET A 352 -18.56 -2.25 -10.42
N VAL A 353 -18.75 -2.95 -11.54
CA VAL A 353 -18.66 -2.34 -12.87
C VAL A 353 -19.90 -2.66 -13.68
N ASP A 354 -20.41 -1.66 -14.40
CA ASP A 354 -21.61 -1.85 -15.21
C ASP A 354 -21.26 -2.46 -16.56
N VAL A 355 -21.63 -3.72 -16.74
CA VAL A 355 -21.39 -4.41 -18.00
C VAL A 355 -22.71 -4.73 -18.72
N THR A 356 -23.72 -3.91 -18.44
CA THR A 356 -25.04 -4.10 -19.04
C THR A 356 -24.99 -4.00 -20.56
N ASP A 357 -24.06 -3.20 -21.07
CA ASP A 357 -23.95 -2.97 -22.51
C ASP A 357 -23.02 -3.98 -23.18
N LEU A 358 -22.53 -4.95 -22.42
CA LEU A 358 -21.66 -5.99 -22.96
C LEU A 358 -22.38 -7.34 -22.98
N LYS A 359 -21.97 -8.20 -23.89
CA LYS A 359 -22.54 -9.54 -23.99
C LYS A 359 -21.54 -10.61 -23.53
N GLY A 360 -22.03 -11.57 -22.76
CA GLY A 360 -21.26 -12.76 -22.44
C GLY A 360 -20.12 -12.57 -21.47
N VAL A 361 -20.18 -11.53 -20.65
CA VAL A 361 -19.18 -11.35 -19.61
C VAL A 361 -19.35 -12.46 -18.57
N LYS A 362 -18.25 -13.08 -18.18
CA LYS A 362 -18.30 -14.22 -17.26
C LYS A 362 -17.10 -14.21 -16.32
N PRO A 363 -17.21 -14.96 -15.21
CA PRO A 363 -16.10 -15.06 -14.25
C PRO A 363 -14.80 -15.49 -14.92
N GLY A 364 -13.70 -14.81 -14.58
CA GLY A 364 -12.40 -15.14 -15.12
C GLY A 364 -11.97 -14.17 -16.22
N ASP A 365 -12.94 -13.47 -16.81
CA ASP A 365 -12.63 -12.51 -17.86
C ASP A 365 -11.68 -11.44 -17.35
N GLU A 366 -10.65 -11.15 -18.13
CA GLU A 366 -9.61 -10.22 -17.72
C GLU A 366 -10.07 -8.77 -17.81
N VAL A 367 -9.73 -7.99 -16.79
CA VAL A 367 -10.08 -6.58 -16.73
C VAL A 367 -8.82 -5.75 -16.61
N VAL A 368 -8.75 -4.66 -17.37
CA VAL A 368 -7.60 -3.75 -17.30
C VAL A 368 -7.95 -2.52 -16.49
N LEU A 369 -7.24 -2.34 -15.37
CA LEU A 369 -7.44 -1.20 -14.49
C LEU A 369 -6.53 -0.04 -14.91
N PHE A 370 -5.37 -0.39 -15.44
CA PHE A 370 -4.48 0.59 -16.05
C PHE A 370 -3.66 -0.07 -17.14
N GLY A 371 -3.73 0.49 -18.35
CA GLY A 371 -3.04 -0.07 -19.49
C GLY A 371 -3.95 -0.09 -20.71
N ARG A 372 -3.67 -1.02 -21.63
CA ARG A 372 -4.43 -1.10 -22.87
C ARG A 372 -5.14 -2.44 -23.00
N GLN A 373 -6.29 -2.42 -23.67
CA GLN A 373 -7.03 -3.63 -23.98
C GLN A 373 -7.75 -3.43 -25.30
N GLY A 374 -7.34 -4.18 -26.32
CA GLY A 374 -7.89 -3.99 -27.65
C GLY A 374 -7.52 -2.62 -28.17
N GLU A 375 -8.55 -1.86 -28.57
CA GLU A 375 -8.34 -0.50 -29.05
C GLU A 375 -8.54 0.52 -27.94
N ALA A 376 -8.81 0.02 -26.73
CA ALA A 376 -9.09 0.91 -25.60
C ALA A 376 -7.88 1.07 -24.68
N GLU A 377 -7.98 2.00 -23.75
CA GLU A 377 -6.88 2.31 -22.84
C GLU A 377 -7.36 3.09 -21.62
N VAL A 378 -6.80 2.79 -20.47
CA VAL A 378 -7.04 3.60 -19.27
C VAL A 378 -5.93 4.62 -19.16
N LYS A 379 -6.22 5.86 -19.54
CA LYS A 379 -5.22 6.91 -19.60
C LYS A 379 -4.74 7.32 -18.21
N GLN A 380 -3.44 7.57 -18.11
CA GLN A 380 -2.83 7.99 -16.85
C GLN A 380 -3.42 9.32 -16.39
N ALA A 381 -3.65 10.23 -17.33
CA ALA A 381 -4.20 11.54 -17.01
C ALA A 381 -5.59 11.43 -16.38
N ASP A 382 -6.36 10.46 -16.84
CA ASP A 382 -7.70 10.24 -16.30
C ASP A 382 -7.64 9.81 -14.84
N LEU A 383 -6.84 8.78 -14.55
CA LEU A 383 -6.73 8.27 -13.19
C LEU A 383 -6.17 9.33 -12.25
N GLU A 384 -5.25 10.16 -12.75
CA GLU A 384 -4.68 11.23 -11.96
C GLU A 384 -5.74 12.28 -11.63
N GLU A 385 -6.67 12.49 -12.55
CA GLU A 385 -7.78 13.41 -12.33
C GLU A 385 -8.74 12.86 -11.28
N TYR A 386 -9.07 11.59 -11.40
CA TYR A 386 -10.04 10.94 -10.51
C TYR A 386 -9.51 10.84 -9.08
N ASN A 387 -8.21 10.60 -8.95
CA ASN A 387 -7.59 10.45 -7.64
C ASN A 387 -7.06 11.78 -7.09
N GLY A 388 -6.79 12.72 -7.98
CA GLY A 388 -6.30 14.02 -7.57
C GLY A 388 -4.84 13.98 -7.14
N ALA A 389 -4.04 13.21 -7.85
CA ALA A 389 -2.61 13.09 -7.56
C ALA A 389 -1.89 12.38 -8.69
N LEU A 390 -0.58 12.59 -8.80
CA LEU A 390 0.21 11.94 -9.84
C LEU A 390 0.12 10.43 -9.69
N LEU A 391 0.27 9.72 -10.81
CA LEU A 391 -0.01 8.29 -10.85
C LEU A 391 0.86 7.48 -9.89
N ALA A 392 2.10 7.93 -9.67
CA ALA A 392 3.00 7.24 -8.77
C ALA A 392 2.39 7.09 -7.39
N ASP A 393 1.59 8.08 -7.00
CA ASP A 393 0.91 8.05 -5.71
C ASP A 393 0.03 6.81 -5.62
N MET A 394 -0.47 6.37 -6.76
CA MET A 394 -1.34 5.20 -6.82
C MET A 394 -0.57 3.91 -7.06
N TYR A 395 0.33 3.89 -8.04
CA TYR A 395 0.91 2.62 -8.48
C TYR A 395 2.01 2.07 -7.55
N THR A 396 2.60 2.92 -6.73
CA THR A 396 3.51 2.42 -5.70
C THR A 396 2.70 1.61 -4.68
N ILE A 397 1.45 2.03 -4.46
CA ILE A 397 0.57 1.31 -3.56
C ILE A 397 -0.01 0.07 -4.24
N TRP A 398 -0.33 0.19 -5.52
CA TRP A 398 -0.75 -0.96 -6.30
C TRP A 398 0.28 -2.08 -6.13
N GLY A 399 1.55 -1.71 -6.25
CA GLY A 399 2.62 -2.69 -6.19
C GLY A 399 2.79 -3.32 -4.82
N TYR A 400 2.72 -2.52 -3.78
CA TYR A 400 2.87 -3.02 -2.42
C TYR A 400 1.72 -3.96 -2.02
N THR A 401 0.55 -3.77 -2.64
CA THR A 401 -0.65 -4.46 -2.19
C THR A 401 -1.13 -5.55 -3.15
N ASN A 402 -0.40 -5.78 -4.24
CA ASN A 402 -0.76 -6.83 -5.19
C ASN A 402 0.46 -7.55 -5.74
N PRO A 403 0.30 -8.83 -6.10
CA PRO A 403 1.40 -9.61 -6.68
C PRO A 403 1.83 -9.05 -8.02
N LYS A 404 3.06 -9.37 -8.43
CA LYS A 404 3.56 -9.00 -9.73
C LYS A 404 3.60 -10.23 -10.62
N LYS A 405 3.34 -10.04 -11.91
CA LYS A 405 3.47 -11.12 -12.89
C LYS A 405 4.33 -10.65 -14.05
N ILE A 406 5.38 -11.41 -14.34
CA ILE A 406 6.36 -11.02 -15.34
C ILE A 406 5.81 -11.15 -16.76
N LYS A 407 6.04 -10.12 -17.56
CA LYS A 407 5.76 -10.16 -18.99
C LYS A 407 7.06 -9.95 -19.75
N ARG A 408 7.20 -10.63 -20.87
CA ARG A 408 8.38 -10.47 -21.72
C ARG A 408 7.95 -10.20 -23.16
N SER A 409 8.43 -9.09 -23.71
CA SER A 409 8.02 -8.63 -25.04
C SER A 409 9.13 -8.82 -26.09
N SER A 410 10.15 -9.63 -25.77
CA SER A 410 11.27 -9.88 -26.69
C SER A 410 10.80 -10.06 -28.13
N GLY A 411 11.00 -9.02 -28.95
CA GLY A 411 11.57 -7.77 -28.49
C GLY A 411 11.19 -6.69 -29.47
N HIS A 412 11.98 -5.60 -29.58
CA HIS A 412 13.19 -5.34 -28.79
C HIS A 412 14.44 -6.06 -29.31
N HIS A 413 14.28 -7.26 -29.86
CA HIS A 413 15.44 -8.08 -30.23
C HIS A 413 15.07 -9.19 -31.21
N HIS A 414 16.05 -9.58 -32.03
CA HIS A 414 15.90 -10.72 -32.92
C HIS A 414 17.07 -11.69 -32.69
N HIS A 415 17.03 -12.84 -33.35
CA HIS A 415 18.10 -13.82 -33.23
C HIS A 415 18.37 -14.55 -34.55
N HIS A 416 17.31 -15.06 -35.16
CA HIS A 416 17.41 -15.83 -36.41
C HIS A 416 18.67 -16.69 -36.45
N HIS A 417 18.64 -17.80 -35.72
CA HIS A 417 19.75 -18.74 -35.71
C HIS A 417 19.51 -19.86 -36.70
N ALA B 22 -4.46 -7.76 -3.11
CA ALA B 22 -3.96 -8.45 -1.93
C ALA B 22 -2.62 -9.11 -2.23
N PRO B 23 -1.59 -8.79 -1.43
CA PRO B 23 -0.22 -9.24 -1.71
C PRO B 23 0.08 -10.64 -1.19
N TYR B 24 1.27 -11.13 -1.51
CA TYR B 24 1.78 -12.34 -0.89
C TYR B 24 2.09 -12.04 0.58
N LEU B 25 1.68 -12.93 1.46
CA LEU B 25 1.97 -12.79 2.88
C LEU B 25 3.15 -13.67 3.25
N PRO B 26 3.77 -13.43 4.41
CA PRO B 26 4.96 -14.19 4.81
C PRO B 26 4.73 -15.69 4.83
N LEU B 27 5.75 -16.45 4.47
CA LEU B 27 5.68 -17.91 4.55
C LEU B 27 5.72 -18.33 6.01
N ALA B 28 5.35 -19.58 6.27
CA ALA B 28 5.23 -20.08 7.64
C ALA B 28 6.53 -19.91 8.43
N SER B 29 7.66 -20.03 7.75
CA SER B 29 8.96 -19.99 8.42
C SER B 29 9.51 -18.56 8.56
N ASP B 30 8.80 -17.59 7.99
CA ASP B 30 9.24 -16.20 8.03
C ASP B 30 8.62 -15.48 9.22
N HIS B 31 9.43 -15.21 10.24
CA HIS B 31 8.94 -14.59 11.47
C HIS B 31 9.53 -13.19 11.67
N ARG B 32 9.79 -12.49 10.58
CA ARG B 32 10.37 -11.14 10.65
C ARG B 32 9.38 -10.13 11.21
N ASN B 33 8.13 -10.24 10.77
CA ASN B 33 7.10 -9.27 11.16
C ASN B 33 6.76 -9.39 12.65
N GLY B 34 6.62 -8.24 13.31
CA GLY B 34 6.31 -8.22 14.72
C GLY B 34 7.53 -7.94 15.59
N GLU B 35 8.71 -8.23 15.05
CA GLU B 35 9.97 -8.02 15.78
C GLU B 35 10.25 -6.53 15.95
N VAL B 36 10.72 -6.16 17.14
CA VAL B 36 10.88 -4.75 17.49
C VAL B 36 12.27 -4.19 17.18
N GLN B 37 13.28 -5.06 17.21
CA GLN B 37 14.67 -4.61 17.07
C GLN B 37 15.03 -4.22 15.64
N THR B 38 14.28 -4.73 14.67
CA THR B 38 14.61 -4.51 13.27
C THR B 38 14.37 -3.07 12.84
N ALA B 39 15.30 -2.54 12.05
CA ALA B 39 15.21 -1.18 11.57
C ALA B 39 14.00 -0.98 10.67
N SER B 40 13.25 0.10 10.91
N SER B 40 13.26 0.09 10.92
CA SER B 40 12.07 0.41 10.13
CA SER B 40 12.08 0.41 10.12
C SER B 40 11.96 1.91 9.93
C SER B 40 11.97 1.92 9.93
N ASN B 41 11.68 2.33 8.70
CA ASN B 41 11.55 3.76 8.40
C ASN B 41 10.27 4.30 9.01
N ALA B 42 9.26 3.43 9.09
CA ALA B 42 8.02 3.73 9.80
C ALA B 42 7.42 2.37 10.16
N TRP B 43 6.54 2.34 11.15
CA TRP B 43 5.99 1.06 11.59
C TRP B 43 4.69 1.19 12.37
N LEU B 44 3.91 0.12 12.37
CA LEU B 44 2.67 0.07 13.13
CA LEU B 44 2.67 0.07 13.13
C LEU B 44 2.91 -0.64 14.46
N GLU B 45 2.49 0.00 15.55
CA GLU B 45 2.59 -0.59 16.87
C GLU B 45 1.28 -1.28 17.20
N VAL B 46 1.29 -2.61 17.18
CA VAL B 46 0.07 -3.40 17.35
C VAL B 46 -0.16 -3.80 18.81
N ASP B 47 -1.29 -3.36 19.34
CA ASP B 47 -1.64 -3.62 20.74
C ASP B 47 -2.50 -4.88 20.83
N LEU B 48 -1.83 -6.03 20.98
CA LEU B 48 -2.53 -7.30 21.06
C LEU B 48 -3.53 -7.32 22.21
N GLY B 49 -3.15 -6.70 23.32
CA GLY B 49 -4.01 -6.64 24.49
C GLY B 49 -5.35 -5.99 24.18
N ALA B 50 -5.31 -4.88 23.46
CA ALA B 50 -6.53 -4.17 23.09
C ALA B 50 -7.43 -5.04 22.22
N PHE B 51 -6.82 -5.76 21.27
CA PHE B 51 -7.56 -6.66 20.39
C PHE B 51 -8.22 -7.78 21.19
N GLU B 52 -7.45 -8.36 22.12
CA GLU B 52 -7.95 -9.43 22.96
C GLU B 52 -9.04 -8.91 23.90
N HIS B 53 -8.90 -7.67 24.35
CA HIS B 53 -9.91 -7.04 25.18
C HIS B 53 -11.21 -6.87 24.42
N ASN B 54 -11.10 -6.42 23.17
CA ASN B 54 -12.27 -6.17 22.34
C ASN B 54 -13.05 -7.46 22.07
N ILE B 55 -12.34 -8.56 21.86
CA ILE B 55 -12.97 -9.85 21.64
C ILE B 55 -13.79 -10.24 22.86
N GLN B 56 -13.17 -10.19 24.04
CA GLN B 56 -13.85 -10.57 25.27
C GLN B 56 -15.01 -9.63 25.57
N THR B 57 -14.83 -8.35 25.23
CA THR B 57 -15.86 -7.36 25.47
C THR B 57 -17.10 -7.68 24.64
N LEU B 58 -16.90 -8.13 23.41
CA LEU B 58 -18.00 -8.50 22.54
C LEU B 58 -18.69 -9.76 23.07
N LYS B 59 -17.90 -10.73 23.51
CA LYS B 59 -18.44 -11.95 24.10
C LYS B 59 -19.43 -11.61 25.22
N ASP B 60 -18.98 -10.77 26.14
CA ASP B 60 -19.80 -10.39 27.29
C ASP B 60 -21.10 -9.72 26.85
N ARG B 61 -21.04 -8.98 25.76
CA ARG B 61 -22.21 -8.29 25.23
C ARG B 61 -23.22 -9.28 24.66
N LEU B 62 -22.72 -10.28 23.94
CA LEU B 62 -23.58 -11.26 23.28
C LEU B 62 -24.11 -12.29 24.28
N GLY B 63 -23.33 -12.57 25.31
CA GLY B 63 -23.72 -13.56 26.31
C GLY B 63 -23.42 -14.97 25.85
N ASP B 64 -23.71 -15.94 26.72
CA ASP B 64 -23.42 -17.33 26.42
C ASP B 64 -24.49 -17.97 25.54
N LYS B 65 -25.64 -17.29 25.39
CA LYS B 65 -26.71 -17.77 24.53
C LYS B 65 -26.83 -16.89 23.28
N GLY B 66 -25.85 -16.02 23.06
CA GLY B 66 -25.86 -15.14 21.92
C GLY B 66 -25.36 -15.83 20.66
N PRO B 67 -25.35 -15.10 19.54
CA PRO B 67 -24.88 -15.64 18.26
C PRO B 67 -23.38 -15.89 18.28
N LYS B 68 -22.91 -16.81 17.45
CA LYS B 68 -21.49 -17.09 17.34
C LYS B 68 -20.77 -15.90 16.70
N ILE B 69 -19.48 -15.77 17.00
CA ILE B 69 -18.69 -14.67 16.47
C ILE B 69 -17.82 -15.13 15.30
N CYS B 70 -17.90 -14.41 14.20
CA CYS B 70 -16.97 -14.62 13.09
C CYS B 70 -16.09 -13.39 12.94
N ALA B 71 -14.87 -13.48 13.45
CA ALA B 71 -13.93 -12.37 13.40
C ALA B 71 -13.54 -12.08 11.95
N ILE B 72 -13.89 -10.90 11.48
CA ILE B 72 -13.55 -10.50 10.10
C ILE B 72 -12.14 -9.92 10.07
N MET B 73 -11.27 -10.57 9.31
CA MET B 73 -9.86 -10.21 9.28
C MET B 73 -9.34 -10.05 7.86
N LYS B 74 -10.22 -9.57 6.98
CA LYS B 74 -9.84 -9.31 5.59
C LYS B 74 -8.80 -8.18 5.54
N ALA B 75 -8.16 -8.04 4.39
CA ALA B 75 -7.13 -7.02 4.20
C ALA B 75 -6.05 -7.13 5.28
N ASP B 76 -5.57 -8.34 5.50
CA ASP B 76 -4.52 -8.59 6.47
C ASP B 76 -4.93 -8.07 7.84
N ALA B 77 -6.12 -8.48 8.27
CA ALA B 77 -6.67 -8.07 9.57
C ALA B 77 -6.78 -6.56 9.67
N TYR B 78 -7.38 -5.93 8.66
CA TYR B 78 -7.61 -4.48 8.67
C TYR B 78 -6.31 -3.72 8.85
N GLY B 79 -5.22 -4.27 8.35
CA GLY B 79 -3.91 -3.62 8.41
C GLY B 79 -3.15 -3.87 9.69
N HIS B 80 -3.70 -4.72 10.56
CA HIS B 80 -3.07 -5.02 11.83
C HIS B 80 -2.19 -6.27 11.74
N GLY B 81 -2.38 -7.05 10.68
CA GLY B 81 -1.58 -8.24 10.46
C GLY B 81 -2.28 -9.49 10.94
N ILE B 82 -2.87 -10.23 10.00
CA ILE B 82 -3.56 -11.47 10.34
C ILE B 82 -2.58 -12.47 10.92
N ASP B 83 -1.32 -12.40 10.49
CA ASP B 83 -0.27 -13.27 11.01
C ASP B 83 -0.03 -13.04 12.49
N LEU B 84 -0.25 -11.81 12.95
CA LEU B 84 0.03 -11.45 14.33
C LEU B 84 -1.18 -11.62 15.25
N LEU B 85 -2.38 -11.56 14.69
CA LEU B 85 -3.60 -11.52 15.49
C LEU B 85 -4.34 -12.86 15.59
N VAL B 86 -4.16 -13.74 14.60
CA VAL B 86 -4.90 -15.00 14.59
C VAL B 86 -4.73 -15.81 15.88
N PRO B 87 -3.49 -15.88 16.40
CA PRO B 87 -3.28 -16.63 17.64
C PRO B 87 -4.20 -16.17 18.77
N SER B 88 -4.49 -14.87 18.83
CA SER B 88 -5.39 -14.33 19.84
C SER B 88 -6.82 -14.83 19.59
N VAL B 89 -7.20 -14.92 18.33
CA VAL B 89 -8.53 -15.39 17.94
C VAL B 89 -8.69 -16.86 18.30
N VAL B 90 -7.63 -17.64 18.10
CA VAL B 90 -7.66 -19.06 18.43
C VAL B 90 -7.77 -19.26 19.93
N LYS B 91 -7.00 -18.48 20.69
CA LYS B 91 -7.00 -18.59 22.14
C LYS B 91 -8.37 -18.25 22.72
N ALA B 92 -9.10 -17.37 22.03
CA ALA B 92 -10.42 -16.95 22.50
C ALA B 92 -11.50 -17.95 22.11
N GLY B 93 -11.12 -18.98 21.36
CA GLY B 93 -12.07 -20.02 20.98
C GLY B 93 -13.10 -19.53 19.97
N ILE B 94 -12.78 -18.46 19.26
CA ILE B 94 -13.66 -17.94 18.22
C ILE B 94 -13.81 -19.00 17.12
N PRO B 95 -15.07 -19.36 16.81
CA PRO B 95 -15.34 -20.49 15.91
C PRO B 95 -15.23 -20.15 14.41
N CYS B 96 -15.31 -18.87 14.07
CA CYS B 96 -15.32 -18.48 12.67
C CYS B 96 -14.40 -17.29 12.38
N ILE B 97 -13.76 -17.31 11.21
CA ILE B 97 -12.98 -16.18 10.74
C ILE B 97 -13.34 -15.86 9.30
N GLY B 98 -13.58 -14.58 9.01
CA GLY B 98 -13.91 -14.15 7.67
C GLY B 98 -12.72 -13.43 7.03
N ILE B 99 -12.30 -13.91 5.87
CA ILE B 99 -11.18 -13.30 5.16
C ILE B 99 -11.56 -13.04 3.71
N ALA B 100 -10.62 -12.48 2.95
CA ALA B 100 -10.88 -12.12 1.55
C ALA B 100 -9.97 -12.87 0.58
N SER B 101 -8.67 -12.89 0.89
CA SER B 101 -7.70 -13.47 -0.04
C SER B 101 -7.28 -14.88 0.35
N ASN B 102 -6.71 -15.61 -0.61
CA ASN B 102 -6.20 -16.95 -0.37
C ASN B 102 -5.05 -16.94 0.62
N GLU B 103 -4.18 -15.95 0.50
CA GLU B 103 -3.03 -15.82 1.39
C GLU B 103 -3.45 -15.64 2.84
N GLU B 104 -4.53 -14.88 3.04
CA GLU B 104 -5.07 -14.67 4.38
C GLU B 104 -5.56 -15.99 4.96
N ALA B 105 -6.16 -16.81 4.09
CA ALA B 105 -6.64 -18.13 4.51
C ALA B 105 -5.48 -19.04 4.88
N ARG B 106 -4.43 -19.00 4.06
CA ARG B 106 -3.24 -19.80 4.33
C ARG B 106 -2.64 -19.48 5.68
N VAL B 107 -2.42 -18.18 5.93
CA VAL B 107 -1.81 -17.73 7.17
C VAL B 107 -2.67 -18.10 8.37
N ALA B 108 -3.99 -17.94 8.23
CA ALA B 108 -4.92 -18.28 9.31
C ALA B 108 -4.73 -19.73 9.73
N ARG B 109 -4.67 -20.64 8.76
CA ARG B 109 -4.49 -22.05 9.04
C ARG B 109 -3.12 -22.31 9.66
N GLU B 110 -2.09 -21.67 9.10
CA GLU B 110 -0.73 -21.86 9.59
C GLU B 110 -0.56 -21.38 11.02
N LYS B 111 -1.35 -20.39 11.42
CA LYS B 111 -1.26 -19.84 12.77
C LYS B 111 -2.15 -20.57 13.77
N GLY B 112 -2.73 -21.68 13.34
CA GLY B 112 -3.40 -22.60 14.25
C GLY B 112 -4.92 -22.54 14.26
N PHE B 113 -5.52 -21.80 13.34
CA PHE B 113 -6.98 -21.71 13.29
C PHE B 113 -7.58 -22.95 12.62
N THR B 114 -8.48 -23.62 13.33
CA THR B 114 -9.09 -24.85 12.84
C THR B 114 -10.60 -24.74 12.76
N GLY B 115 -11.13 -23.52 12.90
CA GLY B 115 -12.57 -23.31 12.86
C GLY B 115 -13.06 -23.06 11.44
N ARG B 116 -14.25 -22.48 11.33
CA ARG B 116 -14.82 -22.15 10.03
C ARG B 116 -14.09 -20.97 9.41
N LEU B 117 -13.63 -21.16 8.18
CA LEU B 117 -12.92 -20.12 7.44
C LEU B 117 -13.69 -19.82 6.16
N MET B 118 -14.31 -18.65 6.11
CA MET B 118 -15.15 -18.29 4.97
C MET B 118 -14.70 -16.99 4.32
N ARG B 119 -14.87 -16.91 3.00
CA ARG B 119 -14.54 -15.69 2.27
C ARG B 119 -15.74 -14.76 2.30
N VAL B 120 -15.50 -13.48 2.56
CA VAL B 120 -16.58 -12.51 2.66
C VAL B 120 -16.75 -11.68 1.38
N ARG B 121 -16.20 -12.19 0.29
CA ARG B 121 -16.39 -11.55 -1.01
C ARG B 121 -16.40 -12.60 -2.12
N ALA B 122 -16.94 -12.24 -3.27
CA ALA B 122 -16.91 -13.12 -4.43
C ALA B 122 -15.46 -13.32 -4.85
N ALA B 123 -15.14 -14.51 -5.34
CA ALA B 123 -13.79 -14.83 -5.75
C ALA B 123 -13.74 -15.30 -7.20
N THR B 124 -12.56 -15.18 -7.81
CA THR B 124 -12.38 -15.65 -9.17
C THR B 124 -12.23 -17.16 -9.19
N PRO B 125 -12.47 -17.78 -10.35
CA PRO B 125 -12.30 -19.24 -10.47
C PRO B 125 -10.92 -19.70 -10.02
N ALA B 126 -9.88 -18.96 -10.38
CA ALA B 126 -8.52 -19.31 -10.01
C ALA B 126 -8.33 -19.27 -8.50
N GLU B 127 -8.90 -18.27 -7.85
CA GLU B 127 -8.82 -18.15 -6.39
C GLU B 127 -9.50 -19.33 -5.71
N VAL B 128 -10.72 -19.64 -6.14
CA VAL B 128 -11.48 -20.73 -5.55
C VAL B 128 -10.73 -22.05 -5.66
N GLU B 129 -10.20 -22.32 -6.84
CA GLU B 129 -9.51 -23.59 -7.09
C GLU B 129 -8.24 -23.73 -6.25
N GLN B 130 -7.47 -22.65 -6.14
CA GLN B 130 -6.20 -22.69 -5.43
C GLN B 130 -6.36 -22.50 -3.92
N ALA B 131 -7.59 -22.33 -3.46
CA ALA B 131 -7.86 -22.16 -2.03
C ALA B 131 -8.34 -23.46 -1.39
N LEU B 132 -8.41 -24.53 -2.19
CA LEU B 132 -8.91 -25.81 -1.71
C LEU B 132 -8.11 -26.37 -0.53
N PRO B 133 -6.78 -26.21 -0.55
CA PRO B 133 -5.95 -26.73 0.53
C PRO B 133 -6.29 -26.14 1.91
N TYR B 134 -6.99 -25.01 1.93
CA TYR B 134 -7.25 -24.30 3.18
C TYR B 134 -8.61 -24.65 3.79
N LYS B 135 -9.34 -25.55 3.14
CA LYS B 135 -10.62 -26.01 3.65
C LYS B 135 -11.52 -24.83 4.02
N MET B 136 -11.67 -23.88 3.11
CA MET B 136 -12.47 -22.69 3.38
C MET B 136 -13.79 -22.73 2.62
N GLU B 137 -14.66 -21.78 2.94
CA GLU B 137 -16.02 -21.76 2.38
C GLU B 137 -16.23 -20.48 1.56
N GLU B 138 -16.87 -20.63 0.40
CA GLU B 138 -16.99 -19.53 -0.55
C GLU B 138 -18.36 -18.83 -0.48
N LEU B 139 -18.44 -17.69 -1.14
CA LEU B 139 -19.66 -16.88 -1.17
C LEU B 139 -20.15 -16.75 -2.60
N ILE B 140 -21.40 -17.14 -2.84
CA ILE B 140 -21.95 -17.12 -4.20
C ILE B 140 -23.23 -16.29 -4.30
N GLY B 141 -23.35 -15.55 -5.41
CA GLY B 141 -24.50 -14.70 -5.64
C GLY B 141 -24.98 -14.71 -7.08
N SER B 142 -24.54 -15.70 -7.85
CA SER B 142 -25.01 -15.86 -9.22
C SER B 142 -24.90 -17.33 -9.62
N LEU B 143 -25.78 -17.76 -10.52
CA LEU B 143 -25.81 -19.15 -10.96
C LEU B 143 -24.53 -19.52 -11.70
N VAL B 144 -24.12 -18.68 -12.64
CA VAL B 144 -22.93 -18.94 -13.44
C VAL B 144 -21.70 -19.10 -12.55
N SER B 145 -21.58 -18.26 -11.54
CA SER B 145 -20.47 -18.36 -10.60
C SER B 145 -20.53 -19.66 -9.81
N ALA B 146 -21.72 -19.99 -9.31
CA ALA B 146 -21.91 -21.20 -8.54
C ALA B 146 -21.59 -22.44 -9.39
N GLN B 147 -21.99 -22.38 -10.67
CA GLN B 147 -21.74 -23.49 -11.59
C GLN B 147 -20.24 -23.66 -11.82
N GLY B 148 -19.51 -22.56 -11.92
CA GLY B 148 -18.08 -22.60 -12.09
C GLY B 148 -17.39 -23.19 -10.87
N ILE B 149 -17.87 -22.83 -9.70
CA ILE B 149 -17.32 -23.34 -8.45
C ILE B 149 -17.63 -24.83 -8.30
N ALA B 150 -18.82 -25.23 -8.72
CA ALA B 150 -19.21 -26.63 -8.68
C ALA B 150 -18.30 -27.45 -9.61
N ASP B 151 -18.00 -26.91 -10.78
CA ASP B 151 -17.12 -27.58 -11.73
C ASP B 151 -15.74 -27.81 -11.12
N ILE B 152 -15.25 -26.81 -10.40
CA ILE B 152 -13.95 -26.90 -9.73
C ILE B 152 -13.96 -28.01 -8.69
N ALA B 153 -15.01 -28.03 -7.87
CA ALA B 153 -15.14 -29.05 -6.83
C ALA B 153 -15.16 -30.45 -7.44
N GLN B 154 -15.90 -30.61 -8.53
CA GLN B 154 -16.03 -31.90 -9.19
C GLN B 154 -14.70 -32.37 -9.76
N ARG B 155 -13.97 -31.46 -10.40
CA ARG B 155 -12.68 -31.80 -10.99
C ARG B 155 -11.66 -32.20 -9.94
N HIS B 156 -11.79 -31.65 -8.74
CA HIS B 156 -10.90 -31.98 -7.63
C HIS B 156 -11.52 -33.00 -6.70
N HIS B 157 -12.62 -33.61 -7.14
CA HIS B 157 -13.28 -34.68 -6.40
C HIS B 157 -13.40 -34.33 -4.92
N THR B 158 -13.87 -33.14 -4.63
CA THR B 158 -14.06 -32.69 -3.25
C THR B 158 -15.34 -31.89 -3.12
N ASN B 159 -15.59 -31.38 -1.92
CA ASN B 159 -16.77 -30.56 -1.66
C ASN B 159 -16.39 -29.14 -1.24
N ILE B 160 -17.12 -28.16 -1.78
CA ILE B 160 -16.89 -26.77 -1.42
C ILE B 160 -18.14 -26.21 -0.74
N PRO B 161 -18.06 -25.98 0.59
CA PRO B 161 -19.17 -25.35 1.29
C PRO B 161 -19.38 -23.92 0.80
N VAL B 162 -20.62 -23.50 0.63
CA VAL B 162 -20.90 -22.17 0.11
C VAL B 162 -21.96 -21.45 0.95
N HIS B 163 -21.80 -20.14 1.05
CA HIS B 163 -22.81 -19.28 1.67
C HIS B 163 -23.56 -18.56 0.56
N ILE B 164 -24.89 -18.57 0.63
CA ILE B 164 -25.71 -17.90 -0.37
C ILE B 164 -25.89 -16.43 0.01
N ALA B 165 -25.33 -15.55 -0.81
CA ALA B 165 -25.44 -14.11 -0.59
C ALA B 165 -26.75 -13.59 -1.18
N LEU B 166 -27.59 -13.01 -0.33
CA LEU B 166 -28.85 -12.42 -0.77
C LEU B 166 -28.76 -10.91 -0.70
N ASN B 167 -29.39 -10.23 -1.66
CA ASN B 167 -29.34 -8.78 -1.75
C ASN B 167 -30.50 -8.12 -1.00
N SER B 168 -30.92 -8.74 0.09
CA SER B 168 -32.09 -8.28 0.84
C SER B 168 -31.91 -6.85 1.34
N ALA B 169 -30.70 -6.50 1.77
CA ALA B 169 -30.44 -5.20 2.36
C ALA B 169 -30.12 -4.14 1.31
N GLY B 170 -29.82 -4.57 0.09
CA GLY B 170 -29.65 -3.66 -1.03
C GLY B 170 -28.25 -3.16 -1.27
N MET B 171 -27.25 -3.94 -0.85
CA MET B 171 -25.86 -3.58 -1.08
C MET B 171 -25.54 -3.69 -2.57
N SER B 172 -26.15 -4.66 -3.24
CA SER B 172 -25.94 -4.90 -4.66
C SER B 172 -24.46 -5.09 -4.97
N ARG B 173 -23.83 -6.02 -4.26
CA ARG B 173 -22.41 -6.30 -4.42
C ARG B 173 -22.17 -7.78 -4.71
N ASN B 174 -22.34 -8.61 -3.69
CA ASN B 174 -22.09 -10.04 -3.81
C ASN B 174 -23.38 -10.87 -3.84
N GLY B 175 -24.51 -10.23 -3.59
CA GLY B 175 -25.75 -10.95 -3.38
C GLY B 175 -26.66 -11.08 -4.58
N ILE B 176 -27.40 -12.18 -4.64
CA ILE B 176 -28.41 -12.38 -5.67
C ILE B 176 -29.70 -11.69 -5.23
N ASP B 177 -30.37 -11.03 -6.17
CA ASP B 177 -31.55 -10.23 -5.85
C ASP B 177 -32.84 -10.98 -6.17
N LEU B 178 -33.58 -11.34 -5.13
CA LEU B 178 -34.77 -12.17 -5.28
C LEU B 178 -36.00 -11.38 -5.76
N ARG B 179 -35.81 -10.10 -6.06
CA ARG B 179 -36.88 -9.29 -6.63
C ARG B 179 -37.01 -9.56 -8.13
N LEU B 180 -36.00 -10.22 -8.69
CA LEU B 180 -36.05 -10.63 -10.09
C LEU B 180 -36.50 -12.08 -10.21
N ALA B 181 -37.48 -12.32 -11.06
CA ALA B 181 -38.04 -13.66 -11.24
C ALA B 181 -36.96 -14.67 -11.62
N ASP B 182 -36.10 -14.29 -12.56
CA ASP B 182 -35.04 -15.17 -13.03
C ASP B 182 -34.03 -15.46 -11.93
N SER B 183 -33.82 -14.49 -11.04
CA SER B 183 -32.88 -14.66 -9.95
C SER B 183 -33.39 -15.66 -8.92
N LYS B 184 -34.70 -15.67 -8.70
CA LYS B 184 -35.31 -16.64 -7.80
C LYS B 184 -35.08 -18.06 -8.32
N GLU B 185 -35.29 -18.25 -9.62
CA GLU B 185 -35.06 -19.54 -10.25
C GLU B 185 -33.59 -19.94 -10.14
N ASP B 186 -32.72 -18.97 -10.36
CA ASP B 186 -31.28 -19.22 -10.28
C ASP B 186 -30.88 -19.63 -8.86
N ALA B 187 -31.46 -18.97 -7.87
CA ALA B 187 -31.13 -19.25 -6.48
C ALA B 187 -31.42 -20.71 -6.14
N LEU B 188 -32.57 -21.21 -6.56
CA LEU B 188 -32.96 -22.59 -6.29
C LEU B 188 -32.07 -23.57 -7.05
N ALA B 189 -31.68 -23.19 -8.26
CA ALA B 189 -30.81 -24.03 -9.07
C ALA B 189 -29.42 -24.13 -8.44
N MET B 190 -28.95 -23.04 -7.87
CA MET B 190 -27.64 -22.99 -7.24
C MET B 190 -27.53 -24.02 -6.10
N LEU B 191 -28.63 -24.22 -5.38
CA LEU B 191 -28.62 -25.10 -4.22
C LEU B 191 -28.45 -26.57 -4.58
N LYS B 192 -28.78 -26.92 -5.82
CA LYS B 192 -28.80 -28.32 -6.23
C LYS B 192 -27.57 -28.74 -7.03
N LEU B 193 -26.59 -27.85 -7.15
CA LEU B 193 -25.37 -28.16 -7.90
C LEU B 193 -24.49 -29.13 -7.14
N LYS B 194 -24.05 -30.19 -7.82
CA LYS B 194 -23.15 -31.16 -7.22
C LYS B 194 -21.75 -30.58 -7.09
N GLY B 195 -21.12 -30.79 -5.94
CA GLY B 195 -19.78 -30.30 -5.70
C GLY B 195 -19.77 -29.23 -4.63
N ILE B 196 -20.89 -28.52 -4.49
CA ILE B 196 -21.03 -27.49 -3.47
C ILE B 196 -22.13 -27.85 -2.49
N THR B 197 -22.04 -27.33 -1.28
CA THR B 197 -23.03 -27.58 -0.25
C THR B 197 -23.42 -26.27 0.45
N PRO B 198 -24.69 -25.88 0.34
CA PRO B 198 -25.16 -24.69 1.05
C PRO B 198 -25.07 -24.87 2.56
N VAL B 199 -24.27 -24.04 3.21
CA VAL B 199 -24.10 -24.13 4.66
C VAL B 199 -24.40 -22.80 5.35
N GLY B 200 -24.89 -21.83 4.57
CA GLY B 200 -25.21 -20.53 5.14
C GLY B 200 -25.98 -19.63 4.20
N ILE B 201 -26.69 -18.67 4.80
CA ILE B 201 -27.42 -17.66 4.06
C ILE B 201 -27.11 -16.30 4.69
N MET B 202 -26.79 -15.31 3.86
CA MET B 202 -26.32 -14.04 4.40
C MET B 202 -26.79 -12.83 3.59
N THR B 203 -26.71 -11.67 4.22
CA THR B 203 -26.87 -10.39 3.53
C THR B 203 -25.93 -9.40 4.21
N HIS B 204 -25.91 -8.17 3.71
CA HIS B 204 -24.99 -7.16 4.22
C HIS B 204 -25.62 -5.77 4.15
N PHE B 205 -25.54 -5.03 5.24
CA PHE B 205 -26.19 -3.72 5.34
C PHE B 205 -25.29 -2.61 4.78
N PRO B 206 -25.81 -1.85 3.80
CA PRO B 206 -25.04 -0.79 3.13
C PRO B 206 -25.00 0.53 3.91
N VAL B 207 -25.90 0.72 4.85
CA VAL B 207 -25.98 1.98 5.60
C VAL B 207 -25.97 1.76 7.11
N GLU B 208 -25.08 2.47 7.80
CA GLU B 208 -25.00 2.38 9.25
C GLU B 208 -26.02 3.30 9.90
N GLU B 209 -27.29 2.97 9.70
CA GLU B 209 -28.39 3.73 10.29
C GLU B 209 -29.51 2.75 10.64
N LYS B 210 -30.00 2.82 11.88
CA LYS B 210 -30.92 1.83 12.40
C LYS B 210 -32.14 1.60 11.50
N GLU B 211 -32.78 2.68 11.08
CA GLU B 211 -33.98 2.56 10.25
C GLU B 211 -33.70 1.81 8.95
N ASP B 212 -32.57 2.10 8.33
CA ASP B 212 -32.19 1.45 7.08
C ASP B 212 -31.90 -0.02 7.31
N VAL B 213 -31.16 -0.32 8.37
CA VAL B 213 -30.82 -1.70 8.72
C VAL B 213 -32.08 -2.51 9.01
N LYS B 214 -33.02 -1.92 9.72
CA LYS B 214 -34.26 -2.59 10.08
C LYS B 214 -35.10 -2.89 8.84
N MET B 215 -35.01 -2.02 7.84
CA MET B 215 -35.70 -2.25 6.57
C MET B 215 -35.12 -3.48 5.88
N GLY B 216 -33.80 -3.54 5.76
CA GLY B 216 -33.13 -4.65 5.14
C GLY B 216 -33.30 -5.93 5.95
N LEU B 217 -33.34 -5.78 7.27
CA LEU B 217 -33.51 -6.92 8.16
C LEU B 217 -34.85 -7.59 7.92
N ALA B 218 -35.91 -6.78 7.81
CA ALA B 218 -37.25 -7.29 7.56
C ALA B 218 -37.28 -8.07 6.25
N GLN B 219 -36.65 -7.51 5.21
CA GLN B 219 -36.64 -8.13 3.90
C GLN B 219 -35.80 -9.41 3.91
N PHE B 220 -34.74 -9.42 4.70
CA PHE B 220 -33.85 -10.58 4.77
C PHE B 220 -34.54 -11.75 5.44
N LYS B 221 -35.39 -11.48 6.42
CA LYS B 221 -36.15 -12.54 7.07
C LYS B 221 -37.07 -13.23 6.07
N LEU B 222 -37.69 -12.44 5.20
CA LEU B 222 -38.58 -12.98 4.17
C LEU B 222 -37.79 -13.78 3.13
N ASP B 223 -36.65 -13.23 2.72
CA ASP B 223 -35.82 -13.87 1.71
C ASP B 223 -35.21 -15.18 2.20
N SER B 224 -34.62 -15.15 3.39
CA SER B 224 -33.97 -16.33 3.95
C SER B 224 -35.00 -17.44 4.22
N GLN B 225 -36.20 -17.04 4.62
CA GLN B 225 -37.26 -18.01 4.89
C GLN B 225 -37.72 -18.66 3.59
N TRP B 226 -37.82 -17.87 2.53
CA TRP B 226 -38.24 -18.39 1.24
C TRP B 226 -37.19 -19.36 0.68
N LEU B 227 -35.93 -19.01 0.80
CA LEU B 227 -34.85 -19.86 0.29
C LEU B 227 -34.82 -21.19 1.04
N LEU B 228 -35.00 -21.13 2.35
CA LEU B 228 -35.04 -22.34 3.17
C LEU B 228 -36.23 -23.22 2.78
N GLU B 229 -37.38 -22.59 2.59
CA GLU B 229 -38.60 -23.31 2.27
C GLU B 229 -38.57 -23.84 0.83
N ALA B 230 -38.44 -22.93 -0.13
CA ALA B 230 -38.45 -23.30 -1.54
C ALA B 230 -37.27 -24.21 -1.88
N GLY B 231 -36.16 -24.03 -1.18
CA GLY B 231 -34.97 -24.85 -1.42
C GLY B 231 -34.95 -26.09 -0.55
N LYS B 232 -35.91 -26.20 0.35
CA LYS B 232 -36.01 -27.35 1.25
C LYS B 232 -34.68 -27.60 1.98
N LEU B 233 -34.18 -26.57 2.64
CA LEU B 233 -32.97 -26.67 3.42
C LEU B 233 -33.32 -26.79 4.90
N ASP B 234 -32.53 -27.57 5.64
CA ASP B 234 -32.73 -27.71 7.08
C ASP B 234 -31.94 -26.66 7.84
N ARG B 235 -32.62 -25.97 8.76
CA ARG B 235 -32.02 -24.88 9.51
C ARG B 235 -30.80 -25.31 10.33
N SER B 236 -30.79 -26.57 10.76
CA SER B 236 -29.69 -27.08 11.57
C SER B 236 -28.41 -27.19 10.77
N LYS B 237 -28.51 -27.12 9.44
CA LYS B 237 -27.36 -27.22 8.57
C LYS B 237 -26.97 -25.88 7.97
N ILE B 238 -27.77 -24.86 8.24
CA ILE B 238 -27.56 -23.55 7.64
C ILE B 238 -27.30 -22.47 8.70
N THR B 239 -26.19 -21.76 8.53
CA THR B 239 -25.85 -20.64 9.39
C THR B 239 -26.37 -19.34 8.77
N ILE B 240 -27.29 -18.69 9.44
CA ILE B 240 -27.85 -17.42 8.97
C ILE B 240 -27.11 -16.27 9.66
N HIS B 241 -26.64 -15.32 8.88
CA HIS B 241 -25.84 -14.22 9.42
C HIS B 241 -25.92 -12.98 8.54
N ALA B 242 -26.05 -11.81 9.16
CA ALA B 242 -26.29 -10.57 8.44
C ALA B 242 -25.56 -9.34 9.00
N ALA B 243 -25.21 -9.38 10.29
CA ALA B 243 -24.79 -8.16 10.99
C ALA B 243 -23.28 -7.92 10.96
N ASN B 244 -22.91 -6.69 10.62
CA ASN B 244 -21.54 -6.22 10.77
C ASN B 244 -21.40 -5.54 12.12
N SER B 245 -20.33 -4.76 12.32
CA SER B 245 -20.11 -4.09 13.59
C SER B 245 -21.30 -3.23 14.01
N PHE B 246 -21.74 -2.35 13.12
CA PHE B 246 -22.82 -1.43 13.45
C PHE B 246 -24.11 -2.17 13.83
N ALA B 247 -24.53 -3.09 12.98
CA ALA B 247 -25.76 -3.83 13.20
C ALA B 247 -25.67 -4.68 14.47
N THR B 248 -24.49 -5.24 14.72
CA THR B 248 -24.27 -6.07 15.90
C THR B 248 -24.50 -5.26 17.18
N LEU B 249 -24.02 -4.02 17.17
CA LEU B 249 -24.09 -3.16 18.35
C LEU B 249 -25.48 -2.52 18.51
N GLU B 250 -26.02 -2.03 17.41
CA GLU B 250 -27.23 -1.19 17.46
C GLU B 250 -28.53 -1.94 17.15
N VAL B 251 -28.44 -3.03 16.39
CA VAL B 251 -29.62 -3.78 15.99
C VAL B 251 -29.48 -5.26 16.32
N PRO B 252 -29.64 -5.62 17.60
CA PRO B 252 -29.49 -7.00 18.07
C PRO B 252 -30.49 -7.97 17.45
N ASP B 253 -31.54 -7.46 16.83
CA ASP B 253 -32.50 -8.32 16.15
C ASP B 253 -31.90 -8.92 14.87
N ALA B 254 -30.71 -8.45 14.52
CA ALA B 254 -30.00 -8.96 13.35
C ALA B 254 -28.93 -9.97 13.74
N TYR B 255 -28.98 -10.45 14.97
CA TYR B 255 -28.02 -11.44 15.46
C TYR B 255 -28.06 -12.71 14.63
N PHE B 256 -29.24 -13.29 14.49
CA PHE B 256 -29.40 -14.59 13.85
C PHE B 256 -28.45 -15.60 14.47
N ASP B 257 -27.80 -16.43 13.66
CA ASP B 257 -26.94 -17.50 14.18
C ASP B 257 -25.52 -17.02 14.44
N MET B 258 -25.09 -16.02 13.67
CA MET B 258 -23.70 -15.58 13.72
C MET B 258 -23.59 -14.11 13.29
N VAL B 259 -22.65 -13.41 13.90
CA VAL B 259 -22.39 -12.01 13.55
C VAL B 259 -21.00 -11.87 12.94
N ARG B 260 -20.81 -10.83 12.14
CA ARG B 260 -19.57 -10.63 11.40
C ARG B 260 -18.92 -9.30 11.77
N PRO B 261 -18.43 -9.18 13.00
CA PRO B 261 -17.77 -7.95 13.45
C PRO B 261 -16.35 -7.80 12.90
N GLY B 262 -16.08 -6.65 12.30
CA GLY B 262 -14.73 -6.31 11.87
C GLY B 262 -14.21 -5.11 12.63
N GLY B 263 -14.69 -3.93 12.24
CA GLY B 263 -14.22 -2.68 12.81
C GLY B 263 -14.13 -2.64 14.33
N LEU B 264 -15.19 -3.08 15.01
CA LEU B 264 -15.23 -2.95 16.46
C LEU B 264 -14.12 -3.76 17.13
N LEU B 265 -13.65 -4.81 16.46
CA LEU B 265 -12.57 -5.63 17.00
C LEU B 265 -11.26 -4.87 17.01
N TYR B 266 -11.16 -3.83 16.18
CA TYR B 266 -9.94 -3.04 16.08
C TYR B 266 -10.14 -1.65 16.66
N GLY B 267 -11.28 -1.44 17.31
CA GLY B 267 -11.59 -0.15 17.91
C GLY B 267 -11.97 0.89 16.88
N ASP B 268 -12.43 0.44 15.72
CA ASP B 268 -12.82 1.34 14.65
C ASP B 268 -14.27 1.11 14.22
N SER B 269 -15.19 1.42 15.14
CA SER B 269 -16.61 1.33 14.85
C SER B 269 -17.31 2.57 15.41
N ILE B 270 -18.46 2.37 16.06
CA ILE B 270 -19.18 3.49 16.65
C ILE B 270 -18.36 4.06 17.80
N PRO B 271 -17.89 5.31 17.65
CA PRO B 271 -16.97 5.90 18.63
C PRO B 271 -17.50 5.92 20.06
N SER B 272 -18.79 6.14 20.23
CA SER B 272 -19.38 6.28 21.56
C SER B 272 -19.35 4.99 22.37
N TYR B 273 -19.13 3.86 21.70
CA TYR B 273 -18.87 2.60 22.40
C TYR B 273 -17.39 2.54 22.75
N THR B 274 -17.01 3.29 23.78
CA THR B 274 -15.61 3.50 24.11
C THR B 274 -14.93 2.25 24.68
N GLU B 275 -15.72 1.25 25.04
CA GLU B 275 -15.16 0.02 25.62
C GLU B 275 -14.29 -0.73 24.61
N TYR B 276 -14.49 -0.45 23.32
CA TYR B 276 -13.68 -1.06 22.28
C TYR B 276 -12.49 -0.16 21.97
N LYS B 277 -11.30 -0.68 22.23
CA LYS B 277 -10.09 0.13 22.22
C LYS B 277 -9.33 0.07 20.90
N ARG B 278 -8.63 1.17 20.59
CA ARG B 278 -7.80 1.24 19.39
C ARG B 278 -6.66 0.24 19.50
N VAL B 279 -6.40 -0.48 18.41
CA VAL B 279 -5.40 -1.53 18.42
C VAL B 279 -4.09 -1.11 17.76
N MET B 280 -4.15 -0.12 16.88
CA MET B 280 -3.00 0.28 16.08
CA MET B 280 -2.97 0.27 16.12
C MET B 280 -2.53 1.70 16.36
N ALA B 281 -1.21 1.91 16.26
CA ALA B 281 -0.61 3.24 16.33
C ALA B 281 0.45 3.30 15.23
N PHE B 282 0.66 4.48 14.66
CA PHE B 282 1.57 4.64 13.53
C PHE B 282 2.73 5.53 13.95
N LYS B 283 3.96 5.03 13.78
CA LYS B 283 5.14 5.76 14.25
C LYS B 283 6.27 5.81 13.23
N THR B 284 7.17 6.76 13.42
CA THR B 284 8.40 6.85 12.63
C THR B 284 9.48 7.50 13.49
N GLN B 285 10.62 7.83 12.89
CA GLN B 285 11.70 8.47 13.62
C GLN B 285 12.29 9.62 12.81
N VAL B 286 12.95 10.54 13.49
CA VAL B 286 13.63 11.64 12.82
C VAL B 286 14.91 11.12 12.16
N ALA B 287 15.08 11.43 10.89
CA ALA B 287 16.28 11.04 10.16
C ALA B 287 17.35 12.12 10.28
N SER B 288 16.93 13.38 10.20
CA SER B 288 17.84 14.51 10.29
CA SER B 288 17.84 14.51 10.30
C SER B 288 17.08 15.80 10.57
N VAL B 289 17.75 16.74 11.23
CA VAL B 289 17.17 18.05 11.48
C VAL B 289 17.98 19.09 10.70
N ASN B 290 17.36 19.67 9.69
CA ASN B 290 18.06 20.55 8.77
C ASN B 290 17.68 22.02 8.96
N HIS B 291 18.66 22.89 8.79
CA HIS B 291 18.49 24.32 9.04
C HIS B 291 18.37 25.08 7.72
N TYR B 292 17.26 25.80 7.56
CA TYR B 292 17.02 26.56 6.34
C TYR B 292 16.63 28.00 6.66
N PRO B 293 17.14 28.97 5.87
CA PRO B 293 16.87 30.38 6.11
C PRO B 293 15.47 30.79 5.65
N ALA B 294 14.98 31.90 6.20
CA ALA B 294 13.68 32.44 5.80
C ALA B 294 13.67 32.70 4.31
N GLY B 295 12.51 32.50 3.69
CA GLY B 295 12.37 32.72 2.26
C GLY B 295 12.47 31.44 1.47
N ASN B 296 13.15 30.45 2.03
CA ASN B 296 13.25 29.14 1.40
C ASN B 296 11.87 28.50 1.24
N THR B 297 11.76 27.60 0.28
CA THR B 297 10.54 26.82 0.10
C THR B 297 10.84 25.35 0.35
N VAL B 298 9.80 24.61 0.73
CA VAL B 298 9.98 23.21 1.11
C VAL B 298 9.22 22.27 0.19
N GLY B 299 9.92 21.28 -0.34
CA GLY B 299 9.29 20.23 -1.12
C GLY B 299 9.06 20.59 -2.57
N TYR B 300 8.49 19.65 -3.31
CA TYR B 300 8.22 19.82 -4.73
C TYR B 300 7.28 21.00 -4.98
N ASP B 301 7.59 21.77 -6.03
CA ASP B 301 6.75 22.87 -6.49
C ASP B 301 6.78 24.08 -5.56
N ARG B 302 7.66 24.07 -4.57
CA ARG B 302 7.87 25.22 -3.71
C ARG B 302 6.54 25.76 -3.18
N THR B 303 5.73 24.88 -2.60
CA THR B 303 4.39 25.26 -2.18
C THR B 303 4.33 25.88 -0.79
N PHE B 304 5.34 25.61 0.04
CA PHE B 304 5.39 26.18 1.38
C PHE B 304 6.61 27.07 1.55
N THR B 305 6.39 28.30 2.02
CA THR B 305 7.47 29.26 2.22
C THR B 305 7.74 29.47 3.69
N LEU B 306 9.01 29.35 4.08
CA LEU B 306 9.41 29.58 5.47
C LEU B 306 9.39 31.08 5.77
N LYS B 307 8.68 31.45 6.82
CA LYS B 307 8.57 32.87 7.20
C LYS B 307 9.71 33.30 8.12
N ARG B 308 10.54 32.34 8.51
CA ARG B 308 11.66 32.60 9.41
C ARG B 308 12.70 31.50 9.27
N ASP B 309 13.91 31.76 9.76
CA ASP B 309 14.93 30.71 9.82
C ASP B 309 14.35 29.54 10.58
N SER B 310 14.29 28.38 9.92
CA SER B 310 13.59 27.23 10.48
C SER B 310 14.48 26.00 10.59
N TRP B 311 14.14 25.14 11.54
CA TRP B 311 14.77 23.83 11.66
C TRP B 311 13.72 22.77 11.37
N LEU B 312 13.88 22.07 10.25
CA LEU B 312 12.89 21.09 9.81
C LEU B 312 13.37 19.67 10.08
N ALA B 313 12.50 18.87 10.69
CA ALA B 313 12.79 17.46 10.93
C ALA B 313 12.44 16.64 9.70
N ASN B 314 13.44 15.93 9.18
CA ASN B 314 13.26 15.07 8.02
C ASN B 314 12.84 13.67 8.47
N LEU B 315 11.65 13.25 8.05
CA LEU B 315 11.13 11.92 8.41
C LEU B 315 11.16 11.02 7.18
N PRO B 316 11.69 9.79 7.35
CA PRO B 316 11.95 8.89 6.22
C PRO B 316 10.73 8.10 5.73
N LEU B 317 9.57 8.75 5.64
CA LEU B 317 8.41 8.12 5.02
C LEU B 317 7.66 9.11 4.15
N GLY B 318 6.99 8.59 3.12
CA GLY B 318 6.26 9.41 2.18
C GLY B 318 4.97 8.73 1.75
N TYR B 319 4.45 9.11 0.58
CA TYR B 319 3.17 8.59 0.14
C TYR B 319 3.25 7.13 -0.31
N SER B 320 4.45 6.65 -0.62
CA SER B 320 4.62 5.24 -0.96
C SER B 320 4.51 4.38 0.30
N ASP B 321 4.66 5.01 1.45
CA ASP B 321 4.51 4.34 2.73
C ASP B 321 3.10 4.55 3.28
N GLY B 322 2.21 5.08 2.44
CA GLY B 322 0.81 5.20 2.78
C GLY B 322 0.45 6.45 3.58
N TYR B 323 1.42 7.33 3.80
CA TYR B 323 1.18 8.50 4.63
C TYR B 323 0.94 9.77 3.81
N ARG B 324 -0.10 10.50 4.18
CA ARG B 324 -0.41 11.81 3.59
C ARG B 324 -0.37 11.74 2.07
N ARG B 325 -1.12 10.79 1.51
CA ARG B 325 -1.16 10.58 0.07
C ARG B 325 -1.87 11.76 -0.63
N ALA B 326 -2.68 12.48 0.13
CA ALA B 326 -3.18 13.77 -0.32
C ALA B 326 -2.05 14.76 -0.06
N LEU B 327 -1.26 15.01 -1.10
CA LEU B 327 0.08 15.57 -0.95
C LEU B 327 0.15 16.91 -0.20
N SER B 328 -0.96 17.65 -0.16
CA SER B 328 -0.95 18.99 0.43
C SER B 328 -1.95 19.17 1.57
N ASN B 329 -2.36 18.06 2.18
CA ASN B 329 -3.33 18.12 3.28
C ASN B 329 -2.69 18.64 4.57
N LYS B 330 -3.49 19.38 5.35
CA LYS B 330 -3.06 19.83 6.66
C LYS B 330 -2.80 18.62 7.53
N ALA B 331 -1.61 18.55 8.12
CA ALA B 331 -1.22 17.39 8.92
C ALA B 331 -0.28 17.77 10.05
N TYR B 332 -0.41 17.05 11.16
CA TYR B 332 0.47 17.23 12.31
C TYR B 332 1.02 15.89 12.76
N VAL B 333 2.21 15.91 13.36
CA VAL B 333 2.78 14.73 13.98
C VAL B 333 3.18 15.08 15.41
N LEU B 334 3.45 14.07 16.23
CA LEU B 334 3.81 14.30 17.61
C LEU B 334 5.30 14.07 17.85
N ILE B 335 5.97 15.10 18.36
CA ILE B 335 7.35 14.99 18.77
C ILE B 335 7.49 15.68 20.13
N GLN B 336 8.12 15.00 21.08
CA GLN B 336 8.24 15.50 22.44
C GLN B 336 6.86 15.79 23.04
N GLY B 337 5.86 15.03 22.60
CA GLY B 337 4.52 15.17 23.12
C GLY B 337 3.84 16.47 22.70
N GLN B 338 4.30 17.04 21.60
CA GLN B 338 3.73 18.28 21.08
C GLN B 338 3.38 18.13 19.60
N LYS B 339 2.29 18.75 19.18
CA LYS B 339 1.87 18.72 17.79
C LYS B 339 2.69 19.70 16.96
N VAL B 340 3.40 19.17 15.97
CA VAL B 340 4.18 20.00 15.05
C VAL B 340 3.71 19.75 13.62
N PRO B 341 3.67 20.82 12.81
CA PRO B 341 3.06 20.78 11.47
C PRO B 341 3.95 20.18 10.39
N VAL B 342 3.34 19.39 9.51
CA VAL B 342 4.02 18.94 8.31
C VAL B 342 4.03 20.09 7.30
N VAL B 343 5.18 20.33 6.68
CA VAL B 343 5.32 21.43 5.73
C VAL B 343 5.84 20.93 4.38
N GLY B 344 5.30 21.50 3.31
CA GLY B 344 5.69 21.10 1.97
C GLY B 344 4.91 19.88 1.52
N LYS B 345 4.88 19.66 0.20
CA LYS B 345 4.20 18.50 -0.37
C LYS B 345 4.84 17.20 0.11
N THR B 346 4.02 16.17 0.28
CA THR B 346 4.52 14.86 0.60
C THR B 346 5.33 14.32 -0.58
N SER B 347 6.52 13.80 -0.29
CA SER B 347 7.33 13.15 -1.31
C SER B 347 7.10 11.65 -1.23
N MET B 348 7.64 10.91 -2.18
CA MET B 348 7.41 9.47 -2.26
C MET B 348 7.91 8.76 -1.00
N ASN B 349 9.02 9.23 -0.45
CA ASN B 349 9.69 8.54 0.65
C ASN B 349 10.03 9.41 1.85
N THR B 350 9.67 10.69 1.79
CA THR B 350 10.09 11.63 2.83
C THR B 350 9.07 12.75 3.06
N ILE B 351 8.97 13.19 4.31
CA ILE B 351 8.17 14.37 4.65
C ILE B 351 8.97 15.26 5.60
N MET B 352 8.66 16.55 5.60
CA MET B 352 9.35 17.50 6.45
C MET B 352 8.40 18.07 7.51
N VAL B 353 8.91 18.24 8.71
CA VAL B 353 8.12 18.76 9.82
C VAL B 353 8.84 19.92 10.49
N ASP B 354 8.10 20.97 10.82
CA ASP B 354 8.69 22.16 11.43
C ASP B 354 8.86 21.96 12.93
N VAL B 355 10.11 21.86 13.37
CA VAL B 355 10.41 21.66 14.80
C VAL B 355 11.19 22.85 15.36
N THR B 356 11.00 24.02 14.75
CA THR B 356 11.72 25.22 15.16
C THR B 356 11.40 25.59 16.61
N ASP B 357 10.17 25.33 17.03
CA ASP B 357 9.73 25.66 18.38
C ASP B 357 10.26 24.68 19.42
N LEU B 358 10.74 23.52 18.97
CA LEU B 358 11.26 22.50 19.87
C LEU B 358 12.77 22.61 20.01
N LYS B 359 13.30 22.07 21.10
CA LYS B 359 14.74 22.06 21.33
C LYS B 359 15.22 20.65 21.66
N GLY B 360 16.38 20.28 21.13
CA GLY B 360 16.99 19.00 21.43
C GLY B 360 16.44 17.86 20.59
N VAL B 361 15.87 18.19 19.44
CA VAL B 361 15.39 17.16 18.51
C VAL B 361 16.57 16.52 17.80
N LYS B 362 16.72 15.22 17.96
CA LYS B 362 17.86 14.49 17.41
C LYS B 362 17.39 13.37 16.49
N PRO B 363 18.26 12.94 15.56
CA PRO B 363 17.95 11.76 14.76
C PRO B 363 17.67 10.55 15.65
N GLY B 364 16.61 9.82 15.34
CA GLY B 364 16.24 8.65 16.13
C GLY B 364 15.08 8.92 17.07
N ASP B 365 14.80 10.20 17.33
CA ASP B 365 13.68 10.56 18.20
C ASP B 365 12.39 10.04 17.61
N GLU B 366 11.55 9.46 18.47
CA GLU B 366 10.31 8.82 18.03
C GLU B 366 9.26 9.86 17.66
N VAL B 367 8.55 9.58 16.57
CA VAL B 367 7.49 10.46 16.08
C VAL B 367 6.21 9.65 15.95
N VAL B 368 5.10 10.21 16.44
CA VAL B 368 3.81 9.55 16.32
C VAL B 368 2.98 10.19 15.23
N LEU B 369 2.59 9.39 14.24
CA LEU B 369 1.77 9.84 13.13
C LEU B 369 0.30 9.61 13.43
N PHE B 370 0.04 8.56 14.20
CA PHE B 370 -1.31 8.24 14.64
C PHE B 370 -1.24 7.53 15.98
N GLY B 371 -1.86 8.10 17.00
CA GLY B 371 -1.82 7.54 18.34
C GLY B 371 -1.41 8.58 19.36
N ARG B 372 -0.98 8.12 20.52
CA ARG B 372 -0.68 9.01 21.65
C ARG B 372 0.82 9.20 21.86
N GLN B 373 1.17 10.37 22.36
CA GLN B 373 2.53 10.67 22.80
C GLN B 373 2.45 11.73 23.88
N GLY B 374 2.83 11.38 25.11
CA GLY B 374 2.68 12.27 26.23
C GLY B 374 1.21 12.49 26.54
N GLU B 375 0.78 13.74 26.50
CA GLU B 375 -0.62 14.09 26.73
C GLU B 375 -1.32 14.48 25.42
N ALA B 376 -0.59 14.38 24.32
CA ALA B 376 -1.14 14.71 23.01
C ALA B 376 -1.54 13.44 22.27
N GLU B 377 -2.39 13.58 21.26
CA GLU B 377 -2.85 12.43 20.49
C GLU B 377 -3.40 12.83 19.12
N VAL B 378 -2.90 12.17 18.08
CA VAL B 378 -3.49 12.30 16.76
C VAL B 378 -4.61 11.28 16.63
N LYS B 379 -5.84 11.77 16.60
CA LYS B 379 -7.01 10.90 16.65
C LYS B 379 -7.62 10.67 15.27
N GLN B 380 -8.45 9.63 15.16
CA GLN B 380 -9.17 9.36 13.93
C GLN B 380 -10.06 10.56 13.60
N ALA B 381 -10.43 11.31 14.64
CA ALA B 381 -11.24 12.51 14.47
C ALA B 381 -10.43 13.58 13.76
N ASP B 382 -9.16 13.70 14.13
CA ASP B 382 -8.26 14.65 13.48
C ASP B 382 -7.99 14.29 12.02
N LEU B 383 -7.59 13.05 11.77
CA LEU B 383 -7.21 12.63 10.43
C LEU B 383 -8.38 12.68 9.45
N GLU B 384 -9.60 12.47 9.97
CA GLU B 384 -10.79 12.47 9.12
C GLU B 384 -11.38 13.86 8.96
N GLU B 385 -10.74 14.86 9.55
CA GLU B 385 -11.18 16.24 9.37
C GLU B 385 -11.13 16.62 7.89
N TYR B 386 -10.20 16.02 7.16
CA TYR B 386 -10.09 16.25 5.73
C TYR B 386 -11.20 15.53 4.98
N ASN B 387 -11.87 16.25 4.08
CA ASN B 387 -12.97 15.68 3.31
C ASN B 387 -12.51 14.51 2.45
N GLY B 388 -13.23 13.41 2.53
CA GLY B 388 -12.93 12.23 1.75
C GLY B 388 -12.01 11.27 2.48
N ALA B 389 -11.60 11.64 3.68
CA ALA B 389 -10.68 10.80 4.47
C ALA B 389 -11.46 9.80 5.31
N LEU B 390 -11.08 8.53 5.19
CA LEU B 390 -11.62 7.49 6.05
C LEU B 390 -10.49 6.63 6.56
N LEU B 391 -10.43 6.48 7.88
CA LEU B 391 -9.29 5.84 8.53
C LEU B 391 -9.08 4.40 8.07
N ALA B 392 -10.16 3.71 7.73
CA ALA B 392 -10.08 2.32 7.31
C ALA B 392 -9.18 2.15 6.09
N ASP B 393 -9.31 3.06 5.14
CA ASP B 393 -8.47 3.04 3.95
C ASP B 393 -7.03 3.30 4.35
N MET B 394 -6.82 4.35 5.14
CA MET B 394 -5.49 4.75 5.55
C MET B 394 -4.69 3.60 6.14
N TYR B 395 -5.21 2.97 7.18
CA TYR B 395 -4.40 2.02 7.95
C TYR B 395 -4.24 0.65 7.29
N THR B 396 -5.13 0.29 6.37
CA THR B 396 -4.92 -0.93 5.60
C THR B 396 -3.72 -0.74 4.68
N ILE B 397 -3.56 0.48 4.16
CA ILE B 397 -2.42 0.80 3.32
C ILE B 397 -1.18 1.02 4.18
N TRP B 398 -1.34 1.64 5.33
CA TRP B 398 -0.24 1.75 6.29
C TRP B 398 0.30 0.37 6.59
N GLY B 399 -0.61 -0.56 6.90
CA GLY B 399 -0.23 -1.91 7.28
C GLY B 399 0.48 -2.66 6.17
N TYR B 400 0.01 -2.48 4.94
CA TYR B 400 0.59 -3.18 3.79
C TYR B 400 1.98 -2.66 3.44
N THR B 401 2.28 -1.42 3.80
CA THR B 401 3.49 -0.76 3.33
C THR B 401 4.53 -0.51 4.42
N ASN B 402 4.26 -0.95 5.64
CA ASN B 402 5.20 -0.76 6.74
C ASN B 402 5.24 -1.97 7.67
N PRO B 403 6.41 -2.24 8.26
CA PRO B 403 6.54 -3.35 9.21
C PRO B 403 5.66 -3.15 10.44
N LYS B 404 5.33 -4.23 11.12
CA LYS B 404 4.54 -4.15 12.34
C LYS B 404 5.38 -4.60 13.52
N LYS B 405 5.12 -4.00 14.68
CA LYS B 405 5.84 -4.34 15.89
C LYS B 405 4.86 -4.51 17.05
N ILE B 406 5.02 -5.61 17.78
CA ILE B 406 4.15 -5.91 18.91
C ILE B 406 4.42 -4.93 20.04
N LYS B 407 3.37 -4.21 20.45
CA LYS B 407 3.51 -3.13 21.42
C LYS B 407 4.16 -3.59 22.73
N ARG B 408 3.66 -4.67 23.31
CA ARG B 408 4.10 -5.07 24.64
C ARG B 408 5.53 -5.63 24.65
N SER B 409 6.09 -5.90 23.47
CA SER B 409 7.45 -6.39 23.38
C SER B 409 8.45 -5.31 23.80
N SER B 410 8.10 -4.06 23.51
CA SER B 410 8.92 -2.93 23.93
C SER B 410 8.50 -2.48 25.32
N GLY B 411 9.30 -2.82 26.33
CA GLY B 411 8.95 -2.54 27.71
C GLY B 411 9.93 -1.64 28.44
N HIS B 412 10.48 -0.65 27.73
CA HIS B 412 11.39 0.30 28.35
C HIS B 412 10.69 1.08 29.46
N HIS B 413 9.37 1.15 29.39
CA HIS B 413 8.61 1.93 30.37
C HIS B 413 7.64 1.06 31.17
N HIS B 414 7.88 -0.25 31.18
CA HIS B 414 7.10 -1.17 32.00
C HIS B 414 7.51 -1.02 33.46
N HIS B 415 6.67 -1.51 34.37
CA HIS B 415 6.94 -1.39 35.79
C HIS B 415 6.78 -2.72 36.53
N HIS B 416 6.79 -3.82 35.80
CA HIS B 416 6.75 -5.14 36.43
C HIS B 416 8.16 -5.68 36.63
N HIS B 417 8.40 -6.29 37.79
CA HIS B 417 9.74 -6.67 38.20
C HIS B 417 9.79 -8.11 38.72
#